data_7RK4
#
_entry.id   7RK4
#
_cell.length_a   219.483
_cell.length_b   75.036
_cell.length_c   69.648
_cell.angle_alpha   90.000
_cell.angle_beta   106.260
_cell.angle_gamma   90.000
#
_symmetry.space_group_name_H-M   'C 1 2 1'
#
loop_
_entity.id
_entity.type
_entity.pdbx_description
1 polymer 'Mannitol 2-dehydrogenase'
2 water water
#
_entity_poly.entity_id   1
_entity_poly.type   'polypeptide(L)'
_entity_poly.pdbx_seq_one_letter_code
;MAPLKLNSRNLSQIAAAGGALVKIPTYQRGRAVKEGIVHIGVGGFHRAHLAVYIDQLMQKHGVNDYAICGVGLQPFDSAM
RDALASQDHLYTLIERSAKGSFAHVIGSINSYLFAPDNREAVIAKMAHPDTKIVSLTITESGYYYNENTHELQSEHPDIQ
FDLDPANEKAPRTTFGFLYAGLTRRYQQGLKPFTVMSCDNMQKNGSITRHMLESFARLRNPEVAEWIAEEGAFPNAMVDR
ITPQTSETDKTALAEKFGIVDSWPVVTEPFTQWVIEDQFSDGRPPFEKVGVQVVKDVHAVEQFEKHKLRLLNGSHSALGY
PGQLAGFQYVHEVMANPLFRKFVWQMMQEEVKPLLPEIPGVDIDEYCNTLIERFTNPTIMDQLPRICLNASGKIPQFIMP
SIAEAIWETGPFRRLCFVAAAWFHYIKGVDDRGKPFEVVDPMREELQAKARAGGNDPSELLSIKSLFGDDLRNDERFLRE
ITTAMNDIARDGIMKTLPKYINGSHHHHHH
;
_entity_poly.pdbx_strand_id   A,B
#
# COMPACT_ATOMS: atom_id res chain seq x y z
N ALA A 2 2.17 62.34 -13.39
CA ALA A 2 3.27 61.41 -13.63
C ALA A 2 3.14 60.20 -12.70
N PRO A 3 3.58 59.03 -13.16
CA PRO A 3 3.47 57.82 -12.34
C PRO A 3 4.29 57.94 -11.06
N LEU A 4 3.86 57.21 -10.03
CA LEU A 4 4.45 57.30 -8.70
C LEU A 4 5.02 55.96 -8.27
N LYS A 5 6.20 56.01 -7.67
CA LYS A 5 6.77 54.83 -7.03
C LYS A 5 5.84 54.31 -5.94
N LEU A 6 5.53 53.01 -6.00
CA LEU A 6 4.70 52.41 -4.98
C LEU A 6 5.46 52.37 -3.66
N ASN A 7 4.90 52.99 -2.63
CA ASN A 7 5.44 52.97 -1.27
C ASN A 7 4.39 53.57 -0.35
N SER A 8 4.69 53.59 0.95
CA SER A 8 3.71 54.06 1.92
C SER A 8 3.36 55.53 1.71
N ARG A 9 4.38 56.38 1.45
CA ARG A 9 4.10 57.81 1.35
C ARG A 9 3.35 58.19 0.08
N ASN A 10 3.40 57.36 -0.96
CA ASN A 10 2.68 57.65 -2.20
C ASN A 10 1.35 56.92 -2.30
N LEU A 11 1.02 56.06 -1.34
CA LEU A 11 -0.12 55.17 -1.50
C LEU A 11 -1.43 55.94 -1.64
N SER A 12 -1.61 57.01 -0.85
CA SER A 12 -2.87 57.75 -0.89
C SER A 12 -3.06 58.47 -2.23
N GLN A 13 -1.99 59.05 -2.76
CA GLN A 13 -2.11 59.72 -4.05
C GLN A 13 -2.27 58.72 -5.18
N ILE A 14 -1.64 57.55 -5.07
CA ILE A 14 -1.87 56.48 -6.05
C ILE A 14 -3.35 56.12 -6.08
N ALA A 15 -3.97 55.97 -4.91
CA ALA A 15 -5.40 55.69 -4.84
C ALA A 15 -6.21 56.83 -5.44
N ALA A 16 -5.85 58.08 -5.11
CA ALA A 16 -6.63 59.23 -5.57
C ALA A 16 -6.61 59.35 -7.08
N ALA A 17 -5.51 58.97 -7.72
CA ALA A 17 -5.38 59.08 -9.18
C ALA A 17 -5.76 57.80 -9.91
N GLY A 18 -6.05 56.71 -9.18
CA GLY A 18 -6.29 55.42 -9.80
C GLY A 18 -7.73 55.09 -10.16
N GLY A 19 -8.67 55.96 -9.80
CA GLY A 19 -10.07 55.72 -10.12
C GLY A 19 -10.55 54.36 -9.64
N ALA A 20 -11.44 53.76 -10.42
CA ALA A 20 -11.93 52.42 -10.15
C ALA A 20 -11.00 51.33 -10.67
N LEU A 21 -9.84 51.71 -11.23
CA LEU A 21 -8.89 50.76 -11.79
C LEU A 21 -7.90 50.23 -10.76
N VAL A 22 -7.84 50.83 -9.58
CA VAL A 22 -6.86 50.52 -8.55
C VAL A 22 -7.57 50.36 -7.23
N LYS A 23 -7.16 49.36 -6.43
CA LYS A 23 -7.56 49.36 -5.04
C LYS A 23 -6.33 49.23 -4.16
N ILE A 24 -6.41 49.83 -2.98
CA ILE A 24 -5.25 49.92 -2.09
C ILE A 24 -5.61 49.43 -0.70
N PRO A 25 -4.63 48.95 0.06
CA PRO A 25 -4.90 48.58 1.46
C PRO A 25 -5.08 49.83 2.31
N THR A 26 -6.11 49.83 3.16
CA THR A 26 -6.30 50.91 4.12
C THR A 26 -6.11 50.46 5.56
N TYR A 27 -5.79 49.18 5.78
CA TYR A 27 -5.38 48.76 7.11
C TYR A 27 -3.99 49.31 7.43
N GLN A 28 -3.68 49.34 8.71
CA GLN A 28 -2.38 49.82 9.15
C GLN A 28 -1.34 48.71 9.03
N ARG A 29 -0.09 49.12 8.83
CA ARG A 29 0.98 48.16 8.57
C ARG A 29 2.17 48.48 9.47
N GLY A 30 3.32 47.86 9.19
CA GLY A 30 4.50 48.15 10.00
C GLY A 30 4.34 47.62 11.40
N ARG A 31 4.60 48.48 12.39
CA ARG A 31 4.48 48.06 13.79
C ARG A 31 3.04 47.81 14.22
N ALA A 32 2.05 48.25 13.43
CA ALA A 32 0.65 48.08 13.79
C ALA A 32 0.17 46.65 13.66
N VAL A 33 0.95 45.76 13.04
CA VAL A 33 0.56 44.38 12.84
C VAL A 33 1.61 43.46 13.43
N LYS A 34 1.20 42.24 13.74
CA LYS A 34 2.10 41.18 14.13
C LYS A 34 2.23 40.19 12.99
N GLU A 35 3.43 39.65 12.81
CA GLU A 35 3.72 38.81 11.64
C GLU A 35 3.51 37.36 12.04
N GLY A 36 2.25 36.93 11.97
CA GLY A 36 1.89 35.57 12.35
C GLY A 36 2.32 34.52 11.35
N ILE A 37 2.65 34.92 10.12
CA ILE A 37 3.04 34.00 9.07
C ILE A 37 4.44 34.35 8.61
N VAL A 38 5.32 33.36 8.59
CA VAL A 38 6.63 33.47 7.97
C VAL A 38 6.57 32.61 6.72
N HIS A 39 6.78 33.22 5.55
CA HIS A 39 6.69 32.48 4.29
C HIS A 39 8.06 32.27 3.69
N ILE A 40 8.43 31.00 3.49
CA ILE A 40 9.70 30.64 2.87
C ILE A 40 9.48 30.49 1.37
N GLY A 41 10.20 31.29 0.58
CA GLY A 41 10.12 31.24 -0.86
C GLY A 41 9.12 32.21 -1.45
N VAL A 42 9.39 33.51 -1.30
CA VAL A 42 8.49 34.53 -1.84
C VAL A 42 8.66 34.55 -3.36
N GLY A 43 7.67 34.00 -4.06
CA GLY A 43 7.64 34.07 -5.51
C GLY A 43 6.27 34.47 -6.00
N GLY A 44 6.00 34.21 -7.29
CA GLY A 44 4.76 34.67 -7.87
C GLY A 44 3.54 34.04 -7.26
N PHE A 45 3.59 32.72 -7.04
CA PHE A 45 2.39 32.04 -6.58
C PHE A 45 2.02 32.46 -5.17
N HIS A 46 3.01 32.60 -4.29
CA HIS A 46 2.71 33.09 -2.95
C HIS A 46 2.09 34.48 -3.01
N ARG A 47 2.65 35.36 -3.85
CA ARG A 47 2.19 36.74 -3.89
C ARG A 47 0.84 36.90 -4.58
N ALA A 48 0.41 35.92 -5.38
CA ALA A 48 -0.90 35.98 -6.01
C ALA A 48 -1.97 35.18 -5.29
N HIS A 49 -1.59 34.30 -4.37
CA HIS A 49 -2.52 33.36 -3.76
C HIS A 49 -2.61 33.60 -2.26
N LEU A 50 -1.69 33.04 -1.48
CA LEU A 50 -1.78 33.15 -0.03
C LEU A 50 -1.74 34.61 0.43
N ALA A 51 -0.78 35.38 -0.08
CA ALA A 51 -0.66 36.78 0.35
C ALA A 51 -1.92 37.57 0.06
N VAL A 52 -2.65 37.20 -0.98
CA VAL A 52 -3.89 37.90 -1.31
C VAL A 52 -5.01 37.51 -0.34
N TYR A 53 -5.10 36.24 0.05
CA TYR A 53 -6.07 35.87 1.08
C TYR A 53 -5.80 36.62 2.37
N ILE A 54 -4.52 36.73 2.77
CA ILE A 54 -4.20 37.45 3.99
C ILE A 54 -4.55 38.93 3.84
N ASP A 55 -4.25 39.51 2.69
CA ASP A 55 -4.62 40.91 2.43
C ASP A 55 -6.11 41.12 2.62
N GLN A 56 -6.93 40.18 2.13
CA GLN A 56 -8.38 40.32 2.27
C GLN A 56 -8.84 40.12 3.72
N LEU A 57 -8.17 39.23 4.47
CA LEU A 57 -8.47 39.11 5.88
C LEU A 57 -8.14 40.40 6.63
N MET A 58 -7.05 41.05 6.27
CA MET A 58 -6.67 42.30 6.93
C MET A 58 -7.59 43.43 6.51
N GLN A 59 -7.91 43.52 5.23
CA GLN A 59 -8.67 44.65 4.71
C GLN A 59 -10.15 44.53 5.07
N LYS A 60 -10.76 43.37 4.79
CA LYS A 60 -12.20 43.22 4.93
C LYS A 60 -12.64 42.79 6.33
N HIS A 61 -11.72 42.24 7.13
CA HIS A 61 -12.11 41.65 8.40
C HIS A 61 -11.25 42.12 9.58
N GLY A 62 -10.23 42.94 9.34
CA GLY A 62 -9.47 43.51 10.43
C GLY A 62 -8.59 42.52 11.18
N VAL A 63 -8.21 41.42 10.54
CA VAL A 63 -7.27 40.49 11.15
C VAL A 63 -5.90 41.16 11.18
N ASN A 64 -5.33 41.31 12.38
CA ASN A 64 -4.14 42.14 12.55
C ASN A 64 -2.90 41.38 12.97
N ASP A 65 -2.97 40.06 13.16
CA ASP A 65 -1.83 39.34 13.70
C ASP A 65 -1.35 38.21 12.78
N TYR A 66 -1.67 38.25 11.50
CA TYR A 66 -1.20 37.23 10.56
C TYR A 66 -0.60 37.85 9.32
N ALA A 67 -0.05 39.07 9.46
CA ALA A 67 0.79 39.63 8.41
C ALA A 67 1.97 38.70 8.14
N ILE A 68 2.56 38.83 6.96
CA ILE A 68 3.55 37.90 6.45
C ILE A 68 4.93 38.52 6.57
N CYS A 69 5.88 37.76 7.11
CA CYS A 69 7.29 38.03 6.95
C CYS A 69 7.84 37.08 5.87
N GLY A 70 8.24 37.64 4.73
CA GLY A 70 8.77 36.82 3.65
C GLY A 70 10.23 36.47 3.86
N VAL A 71 10.62 35.29 3.37
CA VAL A 71 11.99 34.78 3.47
C VAL A 71 12.46 34.37 2.09
N GLY A 72 13.64 34.84 1.70
CA GLY A 72 14.32 34.38 0.51
C GLY A 72 15.59 33.61 0.89
N LEU A 73 15.73 32.40 0.34
CA LEU A 73 16.78 31.48 0.74
C LEU A 73 18.08 31.62 -0.05
N GLN A 74 18.02 32.18 -1.27
CA GLN A 74 19.16 32.10 -2.16
C GLN A 74 19.64 33.49 -2.57
N PRO A 75 20.92 33.64 -2.92
CA PRO A 75 21.38 34.93 -3.46
C PRO A 75 20.51 35.48 -4.58
N PHE A 76 19.95 34.60 -5.43
CA PHE A 76 19.06 35.06 -6.49
C PHE A 76 17.91 35.92 -5.94
N ASP A 77 17.50 35.67 -4.70
CA ASP A 77 16.36 36.36 -4.11
C ASP A 77 16.66 37.80 -3.71
N SER A 78 17.87 38.31 -3.91
N SER A 78 17.88 38.29 -3.92
CA SER A 78 18.14 39.69 -3.55
CA SER A 78 18.18 39.68 -3.59
C SER A 78 17.29 40.66 -4.36
C SER A 78 17.31 40.65 -4.36
N ALA A 79 16.97 40.30 -5.61
CA ALA A 79 16.12 41.17 -6.42
C ALA A 79 14.72 41.32 -5.81
N MET A 80 14.18 40.24 -5.26
CA MET A 80 12.90 40.35 -4.56
C MET A 80 13.05 41.18 -3.28
N ARG A 81 14.14 41.00 -2.54
CA ARG A 81 14.40 41.82 -1.37
C ARG A 81 14.43 43.29 -1.74
N ASP A 82 15.14 43.64 -2.82
CA ASP A 82 15.26 45.04 -3.23
C ASP A 82 13.92 45.61 -3.65
N ALA A 83 13.17 44.86 -4.45
CA ALA A 83 11.87 45.33 -4.93
C ALA A 83 10.93 45.63 -3.77
N LEU A 84 10.81 44.70 -2.83
CA LEU A 84 9.89 44.92 -1.71
C LEU A 84 10.40 45.99 -0.76
N ALA A 85 11.71 45.98 -0.47
CA ALA A 85 12.26 46.95 0.48
C ALA A 85 12.05 48.39 0.00
N SER A 86 12.22 48.62 -1.31
CA SER A 86 12.04 49.95 -1.86
C SER A 86 10.58 50.38 -1.90
N GLN A 87 9.65 49.48 -1.60
CA GLN A 87 8.23 49.81 -1.67
C GLN A 87 7.54 49.63 -0.32
N ASP A 88 8.33 49.63 0.77
CA ASP A 88 7.79 49.37 2.11
C ASP A 88 6.99 48.07 2.12
N HIS A 89 7.44 47.13 1.28
CA HIS A 89 6.95 45.76 1.12
C HIS A 89 5.57 45.70 0.48
N LEU A 90 5.07 46.80 -0.05
CA LEU A 90 3.91 46.78 -0.92
C LEU A 90 4.30 46.29 -2.32
N TYR A 91 3.33 45.71 -3.02
CA TYR A 91 3.51 45.34 -4.42
C TYR A 91 2.12 45.29 -5.06
N THR A 92 2.10 45.29 -6.38
CA THR A 92 0.85 45.35 -7.13
C THR A 92 0.52 43.99 -7.72
N LEU A 93 -0.71 43.55 -7.52
CA LEU A 93 -1.26 42.39 -8.21
C LEU A 93 -2.11 42.89 -9.36
N ILE A 94 -1.81 42.43 -10.58
CA ILE A 94 -2.53 42.83 -11.78
C ILE A 94 -3.39 41.65 -12.20
N GLU A 95 -4.71 41.77 -12.03
CA GLU A 95 -5.65 40.75 -12.49
C GLU A 95 -6.02 41.04 -13.94
N ARG A 96 -5.90 40.03 -14.80
CA ARG A 96 -6.18 40.20 -16.22
C ARG A 96 -7.16 39.13 -16.69
N SER A 97 -8.12 39.57 -17.49
CA SER A 97 -9.11 38.67 -18.07
C SER A 97 -9.68 39.36 -19.31
N ALA A 98 -10.67 38.70 -19.93
CA ALA A 98 -11.37 39.35 -21.03
C ALA A 98 -11.98 40.68 -20.60
N LYS A 99 -12.34 40.79 -19.32
CA LYS A 99 -12.92 42.04 -18.82
C LYS A 99 -11.94 43.19 -18.79
N GLY A 100 -10.64 42.92 -18.91
CA GLY A 100 -9.63 43.96 -18.82
C GLY A 100 -8.65 43.68 -17.70
N SER A 101 -7.85 44.67 -17.33
CA SER A 101 -6.87 44.51 -16.26
C SER A 101 -7.15 45.50 -15.14
N PHE A 102 -6.89 45.07 -13.91
CA PHE A 102 -7.19 45.84 -12.72
C PHE A 102 -6.07 45.66 -11.71
N ALA A 103 -5.69 46.74 -11.04
CA ALA A 103 -4.53 46.75 -10.14
C ALA A 103 -4.99 46.70 -8.69
N HIS A 104 -4.45 45.74 -7.94
CA HIS A 104 -4.75 45.56 -6.53
C HIS A 104 -3.43 45.63 -5.78
N VAL A 105 -3.20 46.74 -5.07
CA VAL A 105 -2.00 46.86 -4.26
C VAL A 105 -2.16 45.97 -3.03
N ILE A 106 -1.21 45.05 -2.83
CA ILE A 106 -1.24 44.09 -1.74
C ILE A 106 -0.35 44.59 -0.61
N GLY A 107 -0.85 44.56 0.62
CA GLY A 107 -0.06 45.06 1.72
C GLY A 107 0.19 44.05 2.83
N SER A 108 -0.11 42.77 2.58
CA SER A 108 -0.03 41.75 3.61
C SER A 108 1.40 41.30 3.91
N ILE A 109 2.33 41.46 2.97
CA ILE A 109 3.74 41.22 3.29
C ILE A 109 4.27 42.45 4.00
N ASN A 110 4.69 42.28 5.26
CA ASN A 110 5.05 43.40 6.11
C ASN A 110 6.55 43.60 6.23
N SER A 111 7.35 42.57 6.01
CA SER A 111 8.79 42.66 6.07
C SER A 111 9.36 41.49 5.28
N TYR A 112 10.68 41.49 5.10
CA TYR A 112 11.33 40.47 4.30
C TYR A 112 12.70 40.19 4.88
N LEU A 113 13.03 38.92 5.02
CA LEU A 113 14.33 38.49 5.52
C LEU A 113 15.08 37.77 4.42
N PHE A 114 16.21 38.35 4.00
CA PHE A 114 17.08 37.75 2.98
C PHE A 114 18.07 36.85 3.73
N ALA A 115 17.83 35.54 3.69
CA ALA A 115 18.60 34.60 4.49
C ALA A 115 20.11 34.70 4.30
N PRO A 116 20.66 34.84 3.08
CA PRO A 116 22.13 34.91 2.96
C PRO A 116 22.77 36.07 3.71
N ASP A 117 22.02 37.14 3.99
CA ASP A 117 22.57 38.26 4.75
C ASP A 117 22.69 37.94 6.24
N ASN A 118 21.81 37.08 6.77
CA ASN A 118 21.76 36.81 8.20
C ASN A 118 20.89 35.59 8.48
N ARG A 119 21.50 34.41 8.57
CA ARG A 119 20.70 33.20 8.77
C ARG A 119 20.13 33.12 10.17
N GLU A 120 20.83 33.67 11.16
CA GLU A 120 20.33 33.67 12.53
C GLU A 120 19.01 34.45 12.63
N ALA A 121 18.89 35.56 11.91
CA ALA A 121 17.67 36.35 11.97
C ALA A 121 16.46 35.53 11.53
N VAL A 122 16.64 34.65 10.54
CA VAL A 122 15.52 33.85 10.06
C VAL A 122 15.10 32.84 11.11
N ILE A 123 16.07 32.14 11.72
CA ILE A 123 15.75 31.18 12.78
C ILE A 123 15.00 31.85 13.91
N ALA A 124 15.52 33.00 14.38
CA ALA A 124 14.90 33.70 15.50
C ALA A 124 13.51 34.19 15.14
N LYS A 125 13.31 34.61 13.89
CA LYS A 125 11.98 35.02 13.46
C LYS A 125 11.00 33.85 13.52
N MET A 126 11.41 32.69 13.02
CA MET A 126 10.54 31.52 13.07
C MET A 126 10.28 31.09 14.51
N ALA A 127 11.27 31.25 15.38
CA ALA A 127 11.15 30.84 16.77
C ALA A 127 10.33 31.81 17.61
N HIS A 128 10.09 33.02 17.12
CA HIS A 128 9.43 34.05 17.90
C HIS A 128 7.98 33.67 18.20
N PRO A 129 7.48 33.98 19.39
CA PRO A 129 6.09 33.62 19.73
C PRO A 129 5.04 34.19 18.78
N ASP A 130 5.33 35.30 18.10
CA ASP A 130 4.36 35.87 17.17
C ASP A 130 4.13 34.97 15.97
N THR A 131 5.13 34.16 15.63
CA THR A 131 5.02 33.27 14.47
C THR A 131 4.09 32.10 14.80
N LYS A 132 2.97 32.01 14.09
CA LYS A 132 2.01 30.93 14.26
C LYS A 132 2.06 29.91 13.15
N ILE A 133 2.42 30.34 11.94
CA ILE A 133 2.43 29.51 10.74
C ILE A 133 3.71 29.79 9.97
N VAL A 134 4.38 28.74 9.52
CA VAL A 134 5.43 28.88 8.53
C VAL A 134 4.92 28.22 7.25
N SER A 135 4.71 29.02 6.21
CA SER A 135 4.20 28.55 4.93
C SER A 135 5.34 28.42 3.93
N LEU A 136 5.10 27.63 2.88
CA LEU A 136 6.14 27.23 1.94
C LEU A 136 5.65 27.32 0.49
N THR A 137 6.48 27.90 -0.39
CA THR A 137 6.43 27.62 -1.83
C THR A 137 7.89 27.45 -2.25
N ILE A 138 8.37 26.21 -2.24
CA ILE A 138 9.76 25.90 -2.55
C ILE A 138 9.92 25.02 -3.78
N THR A 139 8.81 24.70 -4.46
CA THR A 139 8.78 23.78 -5.60
C THR A 139 9.11 22.35 -5.16
N GLU A 140 8.94 21.38 -6.07
CA GLU A 140 9.10 19.99 -5.69
C GLU A 140 10.54 19.66 -5.28
N SER A 141 11.52 20.25 -5.97
CA SER A 141 12.91 19.91 -5.69
C SER A 141 13.36 20.36 -4.30
N GLY A 142 12.70 21.37 -3.73
CA GLY A 142 13.03 21.82 -2.38
C GLY A 142 12.66 20.83 -1.30
N TYR A 143 11.89 19.80 -1.61
CA TYR A 143 11.48 18.85 -0.59
C TYR A 143 12.46 17.71 -0.40
N TYR A 144 13.48 17.59 -1.27
CA TYR A 144 14.51 16.56 -1.14
C TYR A 144 13.85 15.19 -0.96
N TYR A 145 12.87 14.93 -1.82
CA TYR A 145 11.93 13.83 -1.63
C TYR A 145 12.16 12.79 -2.72
N ASN A 146 12.53 11.58 -2.30
CA ASN A 146 12.67 10.46 -3.22
C ASN A 146 11.29 9.89 -3.48
N GLU A 147 10.70 10.23 -4.62
CA GLU A 147 9.33 9.79 -4.91
C GLU A 147 9.24 8.29 -5.08
N ASN A 148 10.35 7.64 -5.48
CA ASN A 148 10.33 6.19 -5.63
C ASN A 148 10.23 5.50 -4.28
N THR A 149 11.07 5.88 -3.32
CA THR A 149 11.10 5.27 -2.01
C THR A 149 10.22 5.98 -0.99
N HIS A 150 9.76 7.18 -1.30
CA HIS A 150 8.98 8.01 -0.36
C HIS A 150 9.79 8.27 0.91
N GLU A 151 11.05 8.69 0.73
CA GLU A 151 11.95 8.96 1.84
C GLU A 151 12.69 10.26 1.58
N LEU A 152 13.20 10.84 2.66
CA LEU A 152 14.08 11.99 2.56
C LEU A 152 15.40 11.59 1.91
N GLN A 153 15.88 12.42 0.99
CA GLN A 153 17.19 12.24 0.36
C GLN A 153 18.27 12.71 1.34
N SER A 154 18.41 11.98 2.43
CA SER A 154 19.29 12.39 3.52
C SER A 154 20.76 12.37 3.12
N GLU A 155 21.11 11.62 2.07
N GLU A 155 21.13 11.64 2.08
CA GLU A 155 22.47 11.59 1.55
CA GLU A 155 22.51 11.64 1.62
C GLU A 155 22.79 12.78 0.66
C GLU A 155 22.79 12.75 0.61
N HIS A 156 21.80 13.58 0.31
CA HIS A 156 22.06 14.75 -0.53
C HIS A 156 23.02 15.69 0.18
N PRO A 157 24.00 16.26 -0.52
CA PRO A 157 24.95 17.17 0.15
C PRO A 157 24.29 18.32 0.88
N ASP A 158 23.19 18.86 0.35
CA ASP A 158 22.48 19.94 1.04
C ASP A 158 21.92 19.46 2.37
N ILE A 159 21.38 18.24 2.42
CA ILE A 159 20.82 17.75 3.66
C ILE A 159 21.94 17.36 4.64
N GLN A 160 23.00 16.72 4.13
CA GLN A 160 24.12 16.39 5.00
C GLN A 160 24.72 17.64 5.63
N PHE A 161 24.82 18.73 4.87
CA PHE A 161 25.33 19.99 5.42
C PHE A 161 24.44 20.47 6.57
N ASP A 162 23.13 20.53 6.33
CA ASP A 162 22.24 21.05 7.37
C ASP A 162 22.19 20.14 8.58
N LEU A 163 22.44 18.84 8.39
CA LEU A 163 22.44 17.88 9.49
C LEU A 163 23.71 17.93 10.34
N ASP A 164 24.79 18.49 9.80
CA ASP A 164 26.04 18.63 10.54
C ASP A 164 25.84 19.56 11.73
N PRO A 165 26.07 19.11 12.97
CA PRO A 165 25.87 20.01 14.12
C PRO A 165 26.73 21.27 14.07
N ALA A 166 27.86 21.23 13.35
CA ALA A 166 28.65 22.44 13.15
C ALA A 166 27.86 23.52 12.42
N ASN A 167 26.81 23.15 11.68
CA ASN A 167 25.99 24.09 10.92
C ASN A 167 24.62 24.31 11.54
N GLU A 168 24.46 24.02 12.83
CA GLU A 168 23.11 24.14 13.40
C GLU A 168 22.66 25.58 13.50
N LYS A 169 23.57 26.55 13.47
CA LYS A 169 23.21 27.96 13.43
C LYS A 169 23.26 28.55 12.02
N ALA A 170 23.58 27.74 11.00
CA ALA A 170 23.66 28.25 9.62
C ALA A 170 23.02 27.26 8.64
N PRO A 171 21.75 26.90 8.84
CA PRO A 171 21.10 26.04 7.85
C PRO A 171 20.95 26.77 6.52
N ARG A 172 20.77 25.97 5.47
CA ARG A 172 20.57 26.51 4.13
C ARG A 172 19.33 25.99 3.44
N THR A 173 18.80 24.83 3.82
CA THR A 173 17.58 24.31 3.22
C THR A 173 16.38 24.70 4.05
N THR A 174 15.19 24.54 3.47
CA THR A 174 13.96 24.79 4.21
C THR A 174 13.89 23.93 5.47
N PHE A 175 14.27 22.67 5.37
CA PHE A 175 14.16 21.78 6.53
C PHE A 175 15.17 22.12 7.60
N GLY A 176 16.36 22.56 7.20
CA GLY A 176 17.31 23.04 8.19
C GLY A 176 16.79 24.23 8.97
N PHE A 177 16.18 25.20 8.28
CA PHE A 177 15.59 26.35 8.97
C PHE A 177 14.41 25.93 9.83
N LEU A 178 13.51 25.10 9.29
CA LEU A 178 12.35 24.66 10.07
C LEU A 178 12.79 23.98 11.36
N TYR A 179 13.78 23.09 11.27
CA TYR A 179 14.22 22.36 12.44
C TYR A 179 14.87 23.28 13.47
N ALA A 180 15.71 24.21 13.01
CA ALA A 180 16.35 25.14 13.94
C ALA A 180 15.31 26.00 14.65
N GLY A 181 14.30 26.46 13.91
CA GLY A 181 13.23 27.21 14.55
C GLY A 181 12.46 26.38 15.56
N LEU A 182 12.12 25.14 15.19
CA LEU A 182 11.30 24.31 16.07
C LEU A 182 12.04 23.89 17.32
N THR A 183 13.36 23.68 17.24
CA THR A 183 14.13 23.34 18.43
C THR A 183 14.09 24.48 19.44
N ARG A 184 14.15 25.73 18.97
CA ARG A 184 14.07 26.86 19.88
C ARG A 184 12.68 27.01 20.48
N ARG A 185 11.63 26.73 19.69
CA ARG A 185 10.27 26.75 20.25
C ARG A 185 10.13 25.72 21.35
N TYR A 186 10.67 24.51 21.12
CA TYR A 186 10.69 23.47 22.13
C TYR A 186 11.38 23.96 23.41
N GLN A 187 12.52 24.65 23.25
CA GLN A 187 13.23 25.18 24.41
C GLN A 187 12.39 26.20 25.16
N GLN A 188 11.65 27.04 24.43
CA GLN A 188 10.84 28.09 25.03
C GLN A 188 9.50 27.58 25.54
N GLY A 189 9.19 26.30 25.39
CA GLY A 189 7.88 25.81 25.79
C GLY A 189 6.74 26.28 24.92
N LEU A 190 7.01 26.66 23.67
CA LEU A 190 5.97 27.05 22.74
C LEU A 190 5.46 25.85 21.96
N LYS A 191 4.29 26.01 21.35
CA LYS A 191 3.78 25.01 20.43
C LYS A 191 4.56 25.09 19.12
N PRO A 192 4.67 23.98 18.39
CA PRO A 192 5.21 24.06 17.03
C PRO A 192 4.35 24.99 16.20
N PHE A 193 4.99 25.81 15.38
CA PHE A 193 4.20 26.49 14.36
C PHE A 193 3.69 25.46 13.37
N THR A 194 2.54 25.74 12.79
CA THR A 194 2.06 24.95 11.68
C THR A 194 3.00 25.14 10.49
N VAL A 195 3.35 24.05 9.82
CA VAL A 195 4.09 24.12 8.57
C VAL A 195 3.08 23.90 7.45
N MET A 196 2.88 24.92 6.63
CA MET A 196 1.76 25.00 5.69
C MET A 196 2.30 25.04 4.26
N SER A 197 2.44 23.88 3.64
CA SER A 197 2.95 23.82 2.28
C SER A 197 1.90 24.33 1.31
N CYS A 198 2.30 25.28 0.47
CA CYS A 198 1.42 25.84 -0.56
C CYS A 198 1.88 25.47 -1.96
N ASP A 199 2.75 24.47 -2.08
CA ASP A 199 3.17 23.99 -3.38
C ASP A 199 2.09 23.11 -4.00
N ASN A 200 1.95 23.21 -5.33
CA ASN A 200 0.87 22.53 -6.06
C ASN A 200 1.31 21.10 -6.36
N MET A 201 1.28 20.26 -5.32
CA MET A 201 1.59 18.84 -5.45
C MET A 201 0.68 18.05 -4.52
N GLN A 202 0.32 16.85 -4.95
CA GLN A 202 -0.53 16.00 -4.12
C GLN A 202 0.21 15.60 -2.85
N LYS A 203 -0.53 15.53 -1.74
CA LYS A 203 0.02 15.16 -0.44
C LYS A 203 1.10 16.13 0.01
N ASN A 204 0.92 17.42 -0.30
CA ASN A 204 1.96 18.39 0.04
C ASN A 204 2.20 18.46 1.54
N GLY A 205 1.13 18.31 2.34
CA GLY A 205 1.29 18.32 3.78
C GLY A 205 1.94 17.05 4.30
N SER A 206 1.48 15.89 3.82
CA SER A 206 2.03 14.63 4.28
C SER A 206 3.50 14.49 3.88
N ILE A 207 3.85 14.98 2.69
CA ILE A 207 5.25 14.93 2.26
C ILE A 207 6.09 15.84 3.14
N THR A 208 5.61 17.05 3.41
CA THR A 208 6.34 17.98 4.27
C THR A 208 6.54 17.38 5.65
N ARG A 209 5.48 16.80 6.22
CA ARG A 209 5.58 16.15 7.53
C ARG A 209 6.64 15.05 7.51
N HIS A 210 6.59 14.16 6.53
CA HIS A 210 7.53 13.04 6.51
C HIS A 210 8.96 13.53 6.36
N MET A 211 9.18 14.56 5.54
CA MET A 211 10.54 15.05 5.32
C MET A 211 11.10 15.70 6.58
N LEU A 212 10.31 16.54 7.25
CA LEU A 212 10.82 17.22 8.44
C LEU A 212 10.96 16.25 9.61
N GLU A 213 10.00 15.35 9.79
CA GLU A 213 10.16 14.30 10.80
C GLU A 213 11.41 13.48 10.55
N SER A 214 11.64 13.09 9.30
CA SER A 214 12.83 12.31 8.95
C SER A 214 14.11 13.09 9.21
N PHE A 215 14.12 14.37 8.84
CA PHE A 215 15.26 15.23 9.14
C PHE A 215 15.50 15.29 10.64
N ALA A 216 14.45 15.58 11.41
CA ALA A 216 14.60 15.75 12.87
C ALA A 216 15.06 14.46 13.53
N ARG A 217 14.59 13.31 13.04
CA ARG A 217 15.01 12.04 13.61
C ARG A 217 16.52 11.85 13.50
N LEU A 218 17.12 12.36 12.42
CA LEU A 218 18.56 12.31 12.26
C LEU A 218 19.30 13.33 13.13
N ARG A 219 18.59 14.21 13.83
CA ARG A 219 19.20 15.17 14.74
C ARG A 219 18.94 14.78 16.19
N ASN A 220 17.69 14.84 16.64
CA ASN A 220 17.33 14.58 18.02
C ASN A 220 15.98 13.87 18.05
N PRO A 221 15.95 12.58 18.36
CA PRO A 221 14.66 11.85 18.33
C PRO A 221 13.60 12.42 19.25
N GLU A 222 14.00 13.01 20.39
CA GLU A 222 13.02 13.60 21.29
C GLU A 222 12.31 14.78 20.61
N VAL A 223 13.07 15.65 19.97
CA VAL A 223 12.46 16.76 19.22
C VAL A 223 11.60 16.22 18.09
N ALA A 224 12.08 15.17 17.42
CA ALA A 224 11.33 14.60 16.30
C ALA A 224 9.98 14.07 16.76
N GLU A 225 9.95 13.39 17.91
CA GLU A 225 8.67 12.90 18.43
C GLU A 225 7.75 14.06 18.78
N TRP A 226 8.30 15.13 19.35
CA TRP A 226 7.50 16.30 19.67
C TRP A 226 6.94 16.96 18.41
N ILE A 227 7.77 17.08 17.38
CA ILE A 227 7.30 17.57 16.08
C ILE A 227 6.17 16.68 15.57
N ALA A 228 6.37 15.36 15.62
CA ALA A 228 5.39 14.44 15.09
C ALA A 228 4.06 14.54 15.83
N GLU A 229 4.11 14.64 17.16
CA GLU A 229 2.90 14.59 17.98
C GLU A 229 2.22 15.94 18.13
N GLU A 230 2.99 17.03 18.32
CA GLU A 230 2.39 18.33 18.54
C GLU A 230 2.39 19.22 17.30
N GLY A 231 3.11 18.84 16.26
CA GLY A 231 3.16 19.66 15.06
C GLY A 231 1.93 19.51 14.19
N ALA A 232 1.87 20.35 13.15
CA ALA A 232 0.76 20.36 12.22
C ALA A 232 1.32 20.55 10.81
N PHE A 233 0.86 19.71 9.89
CA PHE A 233 1.31 19.75 8.49
C PHE A 233 0.10 19.54 7.59
N PRO A 234 -0.76 20.55 7.48
CA PRO A 234 -2.02 20.35 6.73
C PRO A 234 -1.78 20.17 5.24
N ASN A 235 -2.48 19.20 4.67
CA ASN A 235 -2.56 19.03 3.23
C ASN A 235 -3.52 20.06 2.65
N ALA A 236 -3.26 20.44 1.40
CA ALA A 236 -4.03 21.50 0.78
C ALA A 236 -4.01 21.34 -0.73
N MET A 237 -5.05 21.85 -1.38
CA MET A 237 -5.08 22.04 -2.82
C MET A 237 -5.09 23.52 -3.11
N VAL A 238 -4.24 23.95 -4.05
CA VAL A 238 -4.10 25.36 -4.41
C VAL A 238 -4.26 25.48 -5.92
N ASP A 239 -4.87 26.57 -6.36
CA ASP A 239 -5.13 26.78 -7.78
C ASP A 239 -5.27 28.27 -8.06
N ARG A 240 -4.27 28.83 -8.74
CA ARG A 240 -4.39 30.18 -9.31
C ARG A 240 -3.28 30.36 -10.33
N ILE A 241 -3.65 30.61 -11.59
CA ILE A 241 -2.68 30.78 -12.66
C ILE A 241 -1.95 32.09 -12.48
N THR A 242 -0.62 32.04 -12.42
N THR A 242 -0.62 32.03 -12.41
CA THR A 242 0.20 33.24 -12.19
CA THR A 242 0.22 33.20 -12.18
C THR A 242 1.41 33.20 -13.11
C THR A 242 1.40 33.15 -13.14
N PRO A 243 1.31 33.84 -14.28
CA PRO A 243 2.45 33.86 -15.21
C PRO A 243 3.58 34.74 -14.70
N GLN A 244 4.78 34.48 -15.21
CA GLN A 244 5.93 35.32 -14.86
C GLN A 244 5.71 36.75 -15.37
N THR A 245 6.21 37.70 -14.59
CA THR A 245 6.15 39.11 -14.96
C THR A 245 7.21 39.43 -16.00
N SER A 246 6.81 40.14 -17.05
CA SER A 246 7.74 40.65 -18.06
C SER A 246 8.08 42.11 -17.76
N GLU A 247 9.15 42.58 -18.39
CA GLU A 247 9.47 44.00 -18.27
C GLU A 247 8.33 44.86 -18.81
N THR A 248 7.63 44.39 -19.84
CA THR A 248 6.50 45.14 -20.40
C THR A 248 5.34 45.21 -19.41
N ASP A 249 5.12 44.15 -18.61
CA ASP A 249 4.12 44.26 -17.55
C ASP A 249 4.40 45.45 -16.64
N LYS A 250 5.68 45.66 -16.31
CA LYS A 250 6.04 46.77 -15.43
C LYS A 250 5.74 48.11 -16.08
N THR A 251 6.21 48.31 -17.32
CA THR A 251 5.92 49.58 -17.98
C THR A 251 4.43 49.75 -18.26
N ALA A 252 3.71 48.66 -18.53
CA ALA A 252 2.27 48.76 -18.75
C ALA A 252 1.55 49.21 -17.48
N LEU A 253 2.01 48.74 -16.33
CA LEU A 253 1.40 49.13 -15.06
C LEU A 253 1.55 50.63 -14.83
N ALA A 254 2.73 51.18 -15.13
CA ALA A 254 2.93 52.62 -14.98
C ALA A 254 2.09 53.41 -15.98
N GLU A 255 2.01 52.92 -17.21
CA GLU A 255 1.32 53.66 -18.27
C GLU A 255 -0.19 53.71 -18.04
N LYS A 256 -0.77 52.63 -17.54
CA LYS A 256 -2.23 52.58 -17.37
C LYS A 256 -2.67 53.08 -16.00
N PHE A 257 -2.00 52.61 -14.94
CA PHE A 257 -2.45 52.84 -13.58
C PHE A 257 -1.62 53.88 -12.84
N GLY A 258 -0.55 54.39 -13.44
CA GLY A 258 0.29 55.37 -12.80
C GLY A 258 1.07 54.86 -11.60
N ILE A 259 1.37 53.57 -11.56
CA ILE A 259 2.12 52.96 -10.48
C ILE A 259 3.46 52.48 -11.01
N VAL A 260 4.54 52.90 -10.36
CA VAL A 260 5.89 52.39 -10.66
C VAL A 260 6.19 51.30 -9.65
N ASP A 261 6.31 50.07 -10.14
CA ASP A 261 6.49 48.90 -9.30
C ASP A 261 7.66 48.10 -9.84
N SER A 262 8.66 47.84 -8.99
CA SER A 262 9.83 47.08 -9.40
C SER A 262 9.49 45.64 -9.77
N TRP A 263 8.45 45.08 -9.14
CA TRP A 263 8.13 43.68 -9.43
C TRP A 263 6.67 43.38 -9.14
N PRO A 264 5.76 43.85 -9.98
CA PRO A 264 4.35 43.47 -9.82
C PRO A 264 4.13 42.02 -10.25
N VAL A 265 2.95 41.52 -9.92
CA VAL A 265 2.56 40.12 -10.14
C VAL A 265 1.30 40.10 -10.98
N VAL A 266 1.31 39.31 -12.06
CA VAL A 266 0.19 39.17 -12.98
C VAL A 266 -0.54 37.86 -12.70
N THR A 267 -1.87 37.88 -12.75
CA THR A 267 -2.64 36.69 -12.42
C THR A 267 -4.01 36.79 -13.08
N GLU A 268 -4.80 35.73 -12.92
CA GLU A 268 -6.19 35.62 -13.32
C GLU A 268 -7.11 35.98 -12.16
N PRO A 269 -8.37 36.33 -12.45
CA PRO A 269 -9.30 36.64 -11.34
C PRO A 269 -9.61 35.44 -10.45
N PHE A 270 -9.64 34.24 -11.01
CA PHE A 270 -10.00 33.05 -10.25
C PHE A 270 -8.93 32.73 -9.21
N THR A 271 -9.37 32.20 -8.07
CA THR A 271 -8.48 31.68 -7.05
C THR A 271 -9.22 30.60 -6.26
N GLN A 272 -8.49 29.57 -5.85
CA GLN A 272 -9.07 28.53 -5.00
C GLN A 272 -8.03 28.03 -4.01
N TRP A 273 -8.49 27.74 -2.80
CA TRP A 273 -7.62 27.19 -1.76
C TRP A 273 -8.45 26.26 -0.89
N VAL A 274 -8.09 24.97 -0.89
CA VAL A 274 -8.67 23.96 -0.03
C VAL A 274 -7.60 23.54 0.96
N ILE A 275 -7.94 23.52 2.25
CA ILE A 275 -6.95 23.17 3.25
C ILE A 275 -7.65 22.45 4.40
N GLU A 276 -7.06 21.36 4.86
CA GLU A 276 -7.62 20.66 6.00
C GLU A 276 -7.31 21.40 7.29
N ASP A 277 -8.19 21.26 8.28
CA ASP A 277 -8.08 22.01 9.52
C ASP A 277 -7.16 21.28 10.48
N GLN A 278 -5.85 21.45 10.25
CA GLN A 278 -4.81 20.89 11.11
C GLN A 278 -3.80 21.99 11.39
N PHE A 279 -3.95 22.66 12.53
CA PHE A 279 -3.10 23.77 12.91
C PHE A 279 -2.71 23.62 14.39
N SER A 280 -1.43 23.87 14.69
CA SER A 280 -0.88 23.60 16.01
C SER A 280 -0.75 24.85 16.88
N ASP A 281 -0.82 26.05 16.30
CA ASP A 281 -0.63 27.27 17.05
C ASP A 281 -1.63 28.35 16.64
N GLY A 282 -2.84 27.96 16.28
CA GLY A 282 -3.88 28.89 15.91
C GLY A 282 -3.88 29.21 14.42
N ARG A 283 -4.93 29.89 14.00
CA ARG A 283 -5.08 30.28 12.60
C ARG A 283 -6.09 31.43 12.51
N PRO A 284 -6.02 32.24 11.46
CA PRO A 284 -7.08 33.21 11.20
C PRO A 284 -8.29 32.53 10.60
N PRO A 285 -9.44 33.22 10.53
CA PRO A 285 -10.65 32.60 9.94
C PRO A 285 -10.65 32.61 8.41
N PHE A 286 -9.88 31.67 7.84
CA PHE A 286 -9.69 31.62 6.39
C PHE A 286 -11.01 31.54 5.64
N GLU A 287 -12.02 30.90 6.24
CA GLU A 287 -13.30 30.71 5.54
C GLU A 287 -13.95 32.03 5.15
N LYS A 288 -13.62 33.12 5.85
CA LYS A 288 -14.26 34.41 5.56
C LYS A 288 -13.81 35.01 4.24
N VAL A 289 -12.69 34.57 3.67
CA VAL A 289 -12.19 35.13 2.42
C VAL A 289 -12.20 34.08 1.32
N GLY A 290 -13.11 33.12 1.42
CA GLY A 290 -13.32 32.18 0.34
C GLY A 290 -12.48 30.93 0.38
N VAL A 291 -11.77 30.69 1.47
CA VAL A 291 -10.97 29.47 1.63
C VAL A 291 -11.88 28.34 2.08
N GLN A 292 -11.73 27.18 1.45
CA GLN A 292 -12.50 25.99 1.81
C GLN A 292 -11.70 25.19 2.83
N VAL A 293 -12.07 25.33 4.11
CA VAL A 293 -11.41 24.61 5.20
C VAL A 293 -12.14 23.29 5.39
N VAL A 294 -11.41 22.18 5.27
CA VAL A 294 -12.06 20.87 5.27
C VAL A 294 -11.55 20.02 6.42
N LYS A 295 -12.11 18.81 6.54
CA LYS A 295 -11.94 18.00 7.73
C LYS A 295 -10.58 17.32 7.78
N ASP A 296 -10.16 16.69 6.69
CA ASP A 296 -8.99 15.82 6.72
C ASP A 296 -8.44 15.68 5.31
N VAL A 297 -7.40 14.85 5.17
CA VAL A 297 -6.75 14.68 3.87
C VAL A 297 -7.69 13.97 2.90
N HIS A 298 -8.58 13.10 3.39
CA HIS A 298 -9.57 12.49 2.50
C HIS A 298 -10.41 13.56 1.83
N ALA A 299 -10.77 14.60 2.56
CA ALA A 299 -11.55 15.68 1.97
C ALA A 299 -10.75 16.46 0.92
N VAL A 300 -9.47 16.72 1.22
CA VAL A 300 -8.61 17.39 0.24
C VAL A 300 -8.50 16.54 -1.03
N GLU A 301 -8.31 15.23 -0.86
CA GLU A 301 -8.15 14.35 -2.02
C GLU A 301 -9.35 14.41 -2.96
N GLN A 302 -10.55 14.60 -2.41
CA GLN A 302 -11.73 14.71 -3.26
C GLN A 302 -11.63 15.92 -4.19
N PHE A 303 -11.26 17.09 -3.64
CA PHE A 303 -11.04 18.27 -4.48
C PHE A 303 -9.92 18.03 -5.48
N GLU A 304 -8.86 17.34 -5.05
CA GLU A 304 -7.73 17.10 -5.94
C GLU A 304 -8.13 16.21 -7.11
N LYS A 305 -9.03 15.26 -6.88
CA LYS A 305 -9.51 14.43 -7.99
C LYS A 305 -10.34 15.25 -8.97
N HIS A 306 -11.17 16.17 -8.46
CA HIS A 306 -11.91 17.06 -9.35
C HIS A 306 -10.97 17.84 -10.27
N LYS A 307 -9.92 18.42 -9.69
CA LYS A 307 -9.00 19.23 -10.48
C LYS A 307 -8.21 18.38 -11.46
N LEU A 308 -7.71 17.22 -11.01
CA LEU A 308 -6.90 16.37 -11.88
C LEU A 308 -7.68 15.91 -13.11
N ARG A 309 -8.92 15.46 -12.90
CA ARG A 309 -9.67 14.86 -14.00
C ARG A 309 -10.37 15.90 -14.87
N LEU A 310 -10.77 17.03 -14.31
CA LEU A 310 -11.50 18.04 -15.06
C LEU A 310 -10.64 19.22 -15.51
N LEU A 311 -9.69 19.66 -14.69
CA LEU A 311 -8.80 20.73 -15.15
C LEU A 311 -7.67 20.16 -16.00
N ASN A 312 -6.82 19.33 -15.39
CA ASN A 312 -5.69 18.79 -16.13
C ASN A 312 -6.15 17.86 -17.25
N GLY A 313 -7.23 17.12 -17.03
CA GLY A 313 -7.77 16.29 -18.10
C GLY A 313 -8.24 17.12 -19.29
N SER A 314 -8.86 18.27 -19.02
CA SER A 314 -9.29 19.13 -20.13
C SER A 314 -8.10 19.80 -20.80
N HIS A 315 -7.04 20.10 -20.04
CA HIS A 315 -5.81 20.58 -20.66
C HIS A 315 -5.28 19.57 -21.67
N SER A 316 -5.34 18.28 -21.33
CA SER A 316 -4.91 17.25 -22.28
C SER A 316 -5.79 17.25 -23.53
N ALA A 317 -7.11 17.40 -23.33
CA ALA A 317 -8.04 17.44 -24.45
C ALA A 317 -7.74 18.63 -25.36
N LEU A 318 -7.40 19.78 -24.77
CA LEU A 318 -7.06 20.94 -25.57
C LEU A 318 -5.66 20.85 -26.18
N GLY A 319 -4.73 20.21 -25.48
CA GLY A 319 -3.32 20.26 -25.83
C GLY A 319 -2.90 19.45 -27.04
N TYR A 320 -2.99 18.12 -26.94
CA TYR A 320 -2.53 17.28 -28.05
C TYR A 320 -3.44 17.40 -29.26
N PRO A 321 -4.78 17.32 -29.13
CA PRO A 321 -5.62 17.64 -30.29
C PRO A 321 -5.41 19.05 -30.81
N GLY A 322 -5.17 20.02 -29.93
CA GLY A 322 -5.01 21.39 -30.39
C GLY A 322 -3.71 21.58 -31.15
N GLN A 323 -2.63 20.98 -30.67
CA GLN A 323 -1.36 21.04 -31.39
C GLN A 323 -1.50 20.44 -32.79
N LEU A 324 -2.09 19.24 -32.87
CA LEU A 324 -2.28 18.61 -34.17
C LEU A 324 -3.12 19.47 -35.09
N ALA A 325 -4.13 20.14 -34.54
CA ALA A 325 -5.04 20.94 -35.36
C ALA A 325 -4.39 22.21 -35.87
N GLY A 326 -3.28 22.65 -35.29
CA GLY A 326 -2.58 23.83 -35.73
C GLY A 326 -2.66 25.03 -34.82
N PHE A 327 -3.25 24.90 -33.64
CA PHE A 327 -3.38 26.02 -32.71
C PHE A 327 -2.08 26.26 -31.95
N GLN A 328 -1.99 27.45 -31.36
CA GLN A 328 -0.82 27.87 -30.57
C GLN A 328 -1.12 28.00 -29.08
N TYR A 329 -2.28 28.52 -28.72
CA TYR A 329 -2.59 28.88 -27.35
C TYR A 329 -3.80 28.12 -26.84
N VAL A 330 -3.84 27.92 -25.52
CA VAL A 330 -4.99 27.28 -24.89
C VAL A 330 -6.26 28.06 -25.21
N HIS A 331 -6.21 29.39 -25.09
CA HIS A 331 -7.42 30.18 -25.27
C HIS A 331 -7.94 30.15 -26.70
N GLU A 332 -7.07 29.85 -27.67
CA GLU A 332 -7.54 29.67 -29.04
C GLU A 332 -8.31 28.37 -29.21
N VAL A 333 -7.77 27.28 -28.64
CA VAL A 333 -8.45 25.99 -28.73
C VAL A 333 -9.79 26.05 -28.01
N MET A 334 -9.82 26.67 -26.83
CA MET A 334 -11.04 26.69 -26.03
C MET A 334 -12.12 27.55 -26.66
N ALA A 335 -11.74 28.56 -27.44
CA ALA A 335 -12.72 29.39 -28.12
C ALA A 335 -13.29 28.74 -29.37
N ASN A 336 -12.67 27.67 -29.87
CA ASN A 336 -13.16 27.00 -31.06
C ASN A 336 -14.45 26.26 -30.75
N PRO A 337 -15.51 26.43 -31.55
CA PRO A 337 -16.82 25.86 -31.16
C PRO A 337 -16.82 24.35 -31.03
N LEU A 338 -16.16 23.63 -31.93
CA LEU A 338 -16.14 22.16 -31.84
C LEU A 338 -15.43 21.72 -30.57
N PHE A 339 -14.30 22.33 -30.24
CA PHE A 339 -13.58 21.97 -29.02
C PHE A 339 -14.40 22.31 -27.78
N ARG A 340 -15.13 23.43 -27.81
CA ARG A 340 -15.97 23.81 -26.68
C ARG A 340 -16.99 22.71 -26.35
N LYS A 341 -17.65 22.18 -27.38
CA LYS A 341 -18.62 21.12 -27.15
C LYS A 341 -17.94 19.82 -26.77
N PHE A 342 -16.82 19.50 -27.44
CA PHE A 342 -16.10 18.27 -27.10
C PHE A 342 -15.69 18.27 -25.63
N VAL A 343 -15.08 19.36 -25.17
CA VAL A 343 -14.57 19.40 -23.81
C VAL A 343 -15.71 19.35 -22.80
N TRP A 344 -16.74 20.15 -23.01
CA TRP A 344 -17.88 20.15 -22.08
C TRP A 344 -18.51 18.76 -21.99
N GLN A 345 -18.68 18.09 -23.13
CA GLN A 345 -19.32 16.78 -23.12
C GLN A 345 -18.42 15.70 -22.56
N MET A 346 -17.10 15.82 -22.75
CA MET A 346 -16.20 14.93 -22.04
C MET A 346 -16.31 15.15 -20.53
N MET A 347 -16.37 16.42 -20.11
CA MET A 347 -16.52 16.74 -18.69
C MET A 347 -17.79 16.15 -18.12
N GLN A 348 -18.91 16.31 -18.84
CA GLN A 348 -20.22 15.97 -18.29
C GLN A 348 -20.50 14.47 -18.39
N GLU A 349 -20.31 13.90 -19.57
CA GLU A 349 -20.77 12.54 -19.82
C GLU A 349 -19.79 11.48 -19.32
N GLU A 350 -18.50 11.76 -19.35
CA GLU A 350 -17.49 10.73 -19.09
C GLU A 350 -16.73 10.94 -17.78
N VAL A 351 -16.37 12.17 -17.44
CA VAL A 351 -15.59 12.43 -16.24
C VAL A 351 -16.47 12.60 -15.01
N LYS A 352 -17.49 13.46 -15.13
CA LYS A 352 -18.37 13.77 -13.99
C LYS A 352 -18.92 12.54 -13.29
N PRO A 353 -19.43 11.50 -13.97
CA PRO A 353 -19.93 10.33 -13.25
C PRO A 353 -18.89 9.65 -12.37
N LEU A 354 -17.60 9.83 -12.67
CA LEU A 354 -16.55 9.19 -11.89
C LEU A 354 -16.14 9.97 -10.65
N LEU A 355 -16.70 11.17 -10.45
CA LEU A 355 -16.21 12.08 -9.42
C LEU A 355 -17.05 12.00 -8.15
N PRO A 356 -16.42 12.19 -6.99
CA PRO A 356 -17.19 12.26 -5.75
C PRO A 356 -17.93 13.58 -5.64
N GLU A 357 -19.13 13.53 -5.07
CA GLU A 357 -19.86 14.75 -4.76
C GLU A 357 -19.34 15.35 -3.47
N ILE A 358 -19.13 16.66 -3.48
CA ILE A 358 -18.56 17.38 -2.34
C ILE A 358 -19.60 18.38 -1.86
N PRO A 359 -19.95 18.38 -0.57
CA PRO A 359 -20.91 19.37 -0.06
C PRO A 359 -20.48 20.79 -0.38
N GLY A 360 -21.42 21.59 -0.88
CA GLY A 360 -21.15 22.95 -1.26
C GLY A 360 -20.45 23.14 -2.58
N VAL A 361 -20.21 22.06 -3.34
CA VAL A 361 -19.52 22.13 -4.62
C VAL A 361 -20.47 21.64 -5.70
N ASP A 362 -20.73 22.47 -6.69
CA ASP A 362 -21.53 22.12 -7.86
C ASP A 362 -20.58 21.84 -9.01
N ILE A 363 -20.52 20.58 -9.46
CA ILE A 363 -19.56 20.19 -10.48
C ILE A 363 -19.82 20.91 -11.79
N ASP A 364 -21.10 21.13 -12.13
CA ASP A 364 -21.44 21.84 -13.36
C ASP A 364 -20.94 23.28 -13.32
N GLU A 365 -21.05 23.94 -12.17
CA GLU A 365 -20.49 25.28 -12.02
C GLU A 365 -18.97 25.25 -12.18
N TYR A 366 -18.32 24.26 -11.57
CA TYR A 366 -16.87 24.12 -11.69
C TYR A 366 -16.45 23.92 -13.13
N CYS A 367 -17.17 23.04 -13.85
CA CYS A 367 -16.89 22.82 -15.27
C CYS A 367 -16.98 24.12 -16.05
N ASN A 368 -18.02 24.91 -15.81
CA ASN A 368 -18.18 26.16 -16.56
C ASN A 368 -17.09 27.16 -16.19
N THR A 369 -16.69 27.19 -14.91
CA THR A 369 -15.60 28.07 -14.50
C THR A 369 -14.29 27.67 -15.18
N LEU A 370 -14.01 26.38 -15.26
CA LEU A 370 -12.79 25.92 -15.92
C LEU A 370 -12.74 26.37 -17.38
N ILE A 371 -13.85 26.20 -18.10
CA ILE A 371 -13.87 26.63 -19.49
C ILE A 371 -13.68 28.14 -19.59
N GLU A 372 -14.30 28.90 -18.69
CA GLU A 372 -14.12 30.35 -18.69
C GLU A 372 -12.66 30.72 -18.45
N ARG A 373 -12.01 30.06 -17.51
CA ARG A 373 -10.59 30.31 -17.26
C ARG A 373 -9.75 29.97 -18.48
N PHE A 374 -10.03 28.83 -19.12
CA PHE A 374 -9.29 28.45 -20.32
C PHE A 374 -9.48 29.46 -21.44
N THR A 375 -10.66 30.07 -21.54
CA THR A 375 -10.91 31.03 -22.61
C THR A 375 -10.16 32.33 -22.43
N ASN A 376 -9.70 32.64 -21.20
CA ASN A 376 -9.02 33.89 -20.86
C ASN A 376 -7.86 34.15 -21.80
N PRO A 377 -7.96 35.15 -22.68
CA PRO A 377 -6.90 35.39 -23.67
C PRO A 377 -5.66 36.05 -23.11
N THR A 378 -5.69 36.57 -21.88
CA THR A 378 -4.51 37.22 -21.31
C THR A 378 -3.52 36.23 -20.70
N ILE A 379 -3.90 34.97 -20.53
CA ILE A 379 -2.98 34.02 -19.93
C ILE A 379 -1.88 33.64 -20.93
N MET A 380 -2.21 33.56 -22.21
CA MET A 380 -1.25 33.22 -23.26
C MET A 380 -0.51 31.93 -22.93
N ASP A 381 -1.30 30.89 -22.62
CA ASP A 381 -0.76 29.59 -22.23
C ASP A 381 -0.39 28.82 -23.49
N GLN A 382 0.90 28.56 -23.66
CA GLN A 382 1.40 27.94 -24.90
C GLN A 382 1.11 26.44 -24.91
N LEU A 383 0.49 25.98 -25.99
CA LEU A 383 0.21 24.54 -26.12
C LEU A 383 1.46 23.67 -26.00
N PRO A 384 2.62 24.03 -26.56
CA PRO A 384 3.81 23.21 -26.29
C PRO A 384 4.12 23.03 -24.81
N ARG A 385 3.86 24.04 -23.98
CA ARG A 385 4.08 23.87 -22.54
C ARG A 385 3.04 22.95 -21.93
N ILE A 386 1.78 23.07 -22.37
CA ILE A 386 0.74 22.15 -21.94
C ILE A 386 1.09 20.71 -22.31
N CYS A 387 1.60 20.50 -23.53
CA CYS A 387 1.84 19.16 -24.05
C CYS A 387 3.15 18.56 -23.58
N LEU A 388 4.03 19.37 -23.01
CA LEU A 388 5.36 18.94 -22.59
C LEU A 388 5.31 17.76 -21.63
N ASN A 389 6.21 16.80 -21.83
CA ASN A 389 6.38 15.64 -20.94
C ASN A 389 5.06 14.89 -20.73
N ALA A 390 4.44 14.53 -21.86
CA ALA A 390 3.12 13.91 -21.83
C ALA A 390 3.14 12.53 -21.18
N SER A 391 4.26 11.81 -21.27
CA SER A 391 4.33 10.50 -20.64
C SER A 391 4.09 10.58 -19.14
N GLY A 392 4.28 11.74 -18.54
CA GLY A 392 3.96 11.96 -17.14
C GLY A 392 2.62 12.64 -16.90
N LYS A 393 1.89 13.00 -17.94
CA LYS A 393 0.62 13.71 -17.80
C LYS A 393 -0.57 12.83 -18.15
N ILE A 394 -0.59 12.27 -19.36
CA ILE A 394 -1.70 11.43 -19.82
C ILE A 394 -1.97 10.28 -18.84
N PRO A 395 -0.98 9.56 -18.34
CA PRO A 395 -1.28 8.50 -17.35
C PRO A 395 -1.83 9.04 -16.04
N GLN A 396 -1.71 10.34 -15.77
CA GLN A 396 -2.25 10.91 -14.55
C GLN A 396 -3.57 11.63 -14.74
N PHE A 397 -3.82 12.21 -15.93
CA PHE A 397 -4.98 13.05 -16.13
C PHE A 397 -6.10 12.39 -16.93
N ILE A 398 -5.77 11.43 -17.80
CA ILE A 398 -6.72 10.85 -18.75
C ILE A 398 -6.87 9.36 -18.55
N MET A 399 -5.75 8.63 -18.52
CA MET A 399 -5.81 7.18 -18.36
C MET A 399 -6.56 6.73 -17.10
N PRO A 400 -6.42 7.38 -15.93
CA PRO A 400 -7.21 6.93 -14.78
C PRO A 400 -8.71 7.00 -15.00
N SER A 401 -9.20 8.02 -15.72
CA SER A 401 -10.61 8.08 -16.03
C SER A 401 -11.02 6.94 -16.96
N ILE A 402 -10.18 6.64 -17.96
CA ILE A 402 -10.46 5.51 -18.84
C ILE A 402 -10.52 4.21 -18.05
N ALA A 403 -9.54 3.99 -17.17
CA ALA A 403 -9.49 2.76 -16.39
C ALA A 403 -10.72 2.62 -15.50
N GLU A 404 -11.15 3.71 -14.87
CA GLU A 404 -12.35 3.64 -14.04
C GLU A 404 -13.61 3.51 -14.89
N ALA A 405 -13.60 4.04 -16.12
CA ALA A 405 -14.72 3.81 -17.02
C ALA A 405 -14.80 2.35 -17.43
N ILE A 406 -13.65 1.67 -17.55
CA ILE A 406 -13.66 0.24 -17.86
C ILE A 406 -14.29 -0.55 -16.72
N TRP A 407 -14.02 -0.15 -15.48
CA TRP A 407 -14.51 -0.90 -14.33
C TRP A 407 -16.02 -0.93 -14.25
N GLU A 408 -16.69 0.12 -14.71
CA GLU A 408 -18.14 0.20 -14.68
C GLU A 408 -18.76 0.24 -16.07
N THR A 409 -17.97 -0.04 -17.11
CA THR A 409 -18.41 0.02 -18.50
C THR A 409 -19.14 1.35 -18.78
N GLY A 410 -18.55 2.43 -18.30
CA GLY A 410 -19.11 3.75 -18.52
C GLY A 410 -18.56 4.38 -19.78
N PRO A 411 -19.11 5.53 -20.17
CA PRO A 411 -18.68 6.18 -21.41
C PRO A 411 -17.22 6.63 -21.33
N PHE A 412 -16.50 6.43 -22.44
CA PHE A 412 -15.12 6.94 -22.50
C PHE A 412 -14.64 7.22 -23.92
N ARG A 413 -15.54 7.46 -24.89
CA ARG A 413 -15.11 7.67 -26.28
C ARG A 413 -14.22 8.90 -26.41
N ARG A 414 -14.61 10.01 -25.76
CA ARG A 414 -13.83 11.24 -25.88
C ARG A 414 -12.50 11.11 -25.14
N LEU A 415 -12.51 10.47 -23.97
CA LEU A 415 -11.26 10.18 -23.27
C LEU A 415 -10.32 9.34 -24.15
N CYS A 416 -10.86 8.34 -24.85
CA CYS A 416 -10.04 7.55 -25.75
C CYS A 416 -9.49 8.39 -26.89
N PHE A 417 -10.31 9.31 -27.41
CA PHE A 417 -9.87 10.22 -28.46
C PHE A 417 -8.66 11.03 -28.02
N VAL A 418 -8.66 11.51 -26.77
CA VAL A 418 -7.53 12.29 -26.28
C VAL A 418 -6.28 11.43 -26.23
N ALA A 419 -6.40 10.22 -25.69
CA ALA A 419 -5.24 9.31 -25.64
C ALA A 419 -4.76 8.97 -27.04
N ALA A 420 -5.68 8.75 -27.97
CA ALA A 420 -5.29 8.48 -29.36
C ALA A 420 -4.65 9.70 -30.00
N ALA A 421 -5.08 10.91 -29.62
CA ALA A 421 -4.47 12.12 -30.17
C ALA A 421 -3.03 12.28 -29.70
N TRP A 422 -2.76 11.94 -28.43
CA TRP A 422 -1.38 11.91 -27.97
C TRP A 422 -0.55 10.91 -28.77
N PHE A 423 -1.08 9.71 -28.96
CA PHE A 423 -0.36 8.69 -29.71
C PHE A 423 0.04 9.19 -31.10
N HIS A 424 -0.88 9.86 -31.79
CA HIS A 424 -0.56 10.41 -33.10
C HIS A 424 0.41 11.59 -32.97
N TYR A 425 0.22 12.41 -31.94
CA TYR A 425 1.08 13.57 -31.69
C TYR A 425 2.54 13.17 -31.55
N ILE A 426 2.80 11.98 -31.00
CA ILE A 426 4.19 11.54 -30.74
C ILE A 426 5.00 11.52 -32.03
N LYS A 427 4.35 11.33 -33.19
CA LYS A 427 5.07 11.32 -34.46
C LYS A 427 5.54 12.70 -34.88
N GLY A 428 5.08 13.77 -34.22
CA GLY A 428 5.62 15.09 -34.45
C GLY A 428 5.21 15.79 -35.72
N VAL A 429 4.10 15.40 -36.34
CA VAL A 429 3.59 16.06 -37.54
C VAL A 429 2.15 16.45 -37.31
N ASP A 430 1.83 17.72 -37.52
CA ASP A 430 0.46 18.18 -37.30
C ASP A 430 -0.37 17.95 -38.56
N ASP A 431 -1.67 18.25 -38.47
CA ASP A 431 -2.62 17.92 -39.52
C ASP A 431 -2.41 18.71 -40.79
N ARG A 432 -1.59 19.76 -40.77
CA ARG A 432 -1.26 20.53 -41.95
C ARG A 432 0.08 20.13 -42.56
N GLY A 433 0.76 19.13 -41.99
CA GLY A 433 2.04 18.68 -42.49
C GLY A 433 3.24 19.36 -41.89
N LYS A 434 3.06 20.19 -40.86
CA LYS A 434 4.13 20.97 -40.25
C LYS A 434 4.68 20.24 -39.03
N PRO A 435 5.98 20.03 -38.96
CA PRO A 435 6.55 19.35 -37.79
C PRO A 435 6.45 20.22 -36.53
N PHE A 436 6.39 19.54 -35.39
CA PHE A 436 6.51 20.20 -34.11
C PHE A 436 7.36 19.32 -33.20
N GLU A 437 8.04 19.96 -32.27
CA GLU A 437 8.92 19.22 -31.37
C GLU A 437 8.09 18.41 -30.38
N VAL A 438 8.56 17.20 -30.12
CA VAL A 438 8.00 16.32 -29.10
C VAL A 438 9.02 16.24 -27.99
N VAL A 439 8.67 16.74 -26.81
CA VAL A 439 9.59 16.82 -25.68
C VAL A 439 9.07 15.94 -24.57
N ASP A 440 9.89 15.00 -24.14
CA ASP A 440 9.45 13.94 -23.23
C ASP A 440 10.68 13.19 -22.72
N PRO A 441 10.75 12.88 -21.42
CA PRO A 441 11.86 12.05 -20.94
C PRO A 441 11.91 10.68 -21.58
N MET A 442 10.81 10.24 -22.20
CA MET A 442 10.76 8.97 -22.90
C MET A 442 10.61 9.17 -24.41
N ARG A 443 11.04 10.33 -24.92
CA ARG A 443 10.84 10.67 -26.33
C ARG A 443 11.40 9.61 -27.27
N GLU A 444 12.61 9.11 -26.98
CA GLU A 444 13.24 8.14 -27.87
C GLU A 444 12.42 6.86 -27.95
N GLU A 445 12.06 6.30 -26.80
CA GLU A 445 11.26 5.08 -26.80
C GLU A 445 9.88 5.31 -27.41
N LEU A 446 9.24 6.42 -27.05
CA LEU A 446 7.90 6.72 -27.57
C LEU A 446 7.91 6.84 -29.09
N GLN A 447 8.88 7.58 -29.63
CA GLN A 447 8.94 7.75 -31.08
C GLN A 447 9.34 6.45 -31.76
N ALA A 448 10.12 5.60 -31.09
CA ALA A 448 10.42 4.28 -31.63
C ALA A 448 9.15 3.43 -31.74
N LYS A 449 8.37 3.35 -30.65
CA LYS A 449 7.14 2.56 -30.69
C LYS A 449 6.11 3.15 -31.64
N ALA A 450 5.95 4.47 -31.61
CA ALA A 450 4.98 5.12 -32.50
C ALA A 450 5.28 4.84 -33.97
N ARG A 451 6.56 4.69 -34.32
CA ARG A 451 6.91 4.34 -35.69
C ARG A 451 6.62 2.87 -35.98
N ALA A 452 6.89 1.99 -35.02
CA ALA A 452 6.61 0.57 -35.20
C ALA A 452 5.12 0.33 -35.44
N GLY A 453 4.29 0.79 -34.51
CA GLY A 453 2.85 0.77 -34.75
C GLY A 453 2.47 1.71 -35.88
N GLY A 454 1.42 1.34 -36.60
CA GLY A 454 0.97 2.17 -37.70
C GLY A 454 0.04 3.25 -37.22
N ASN A 455 -1.20 3.25 -37.73
CA ASN A 455 -2.31 3.93 -37.09
C ASN A 455 -2.94 3.07 -36.00
N ASP A 456 -2.15 2.18 -35.40
CA ASP A 456 -2.53 1.18 -34.42
C ASP A 456 -1.80 1.40 -33.09
N PRO A 457 -2.49 1.28 -31.96
CA PRO A 457 -1.91 1.64 -30.66
C PRO A 457 -1.23 0.50 -29.90
N SER A 458 -1.02 -0.67 -30.51
CA SER A 458 -0.55 -1.82 -29.75
C SER A 458 0.89 -1.64 -29.28
N GLU A 459 1.76 -1.12 -30.15
CA GLU A 459 3.16 -0.96 -29.77
C GLU A 459 3.32 0.05 -28.63
N LEU A 460 2.63 1.18 -28.71
CA LEU A 460 2.71 2.18 -27.65
C LEU A 460 2.15 1.64 -26.33
N LEU A 461 1.01 0.97 -26.39
CA LEU A 461 0.40 0.40 -25.19
C LEU A 461 1.26 -0.71 -24.57
N SER A 462 2.28 -1.20 -25.27
CA SER A 462 3.11 -2.26 -24.70
C SER A 462 4.11 -1.74 -23.67
N ILE A 463 4.25 -0.43 -23.52
CA ILE A 463 5.18 0.14 -22.56
C ILE A 463 4.63 -0.07 -21.15
N LYS A 464 5.14 -1.12 -20.47
CA LYS A 464 4.55 -1.55 -19.21
C LYS A 464 4.73 -0.53 -18.09
N SER A 465 5.65 0.41 -18.23
CA SER A 465 5.81 1.45 -17.22
C SER A 465 4.74 2.52 -17.31
N LEU A 466 4.10 2.66 -18.46
CA LEU A 466 3.09 3.70 -18.67
C LEU A 466 1.66 3.16 -18.66
N PHE A 467 1.44 1.92 -19.08
CA PHE A 467 0.10 1.38 -19.23
C PHE A 467 -0.01 0.04 -18.55
N GLY A 468 -1.16 -0.20 -17.88
CA GLY A 468 -1.37 -1.42 -17.14
C GLY A 468 -2.04 -2.50 -17.97
N ASP A 469 -2.15 -3.69 -17.37
CA ASP A 469 -2.75 -4.83 -18.06
C ASP A 469 -4.24 -4.62 -18.28
N ASP A 470 -4.92 -3.88 -17.39
CA ASP A 470 -6.35 -3.66 -17.54
C ASP A 470 -6.69 -2.94 -18.84
N LEU A 471 -5.77 -2.09 -19.33
CA LEU A 471 -6.00 -1.41 -20.60
C LEU A 471 -5.84 -2.37 -21.77
N ARG A 472 -4.71 -3.10 -21.81
CA ARG A 472 -4.44 -4.01 -22.92
C ARG A 472 -5.40 -5.19 -22.94
N ASN A 473 -6.07 -5.49 -21.83
CA ASN A 473 -6.96 -6.65 -21.75
C ASN A 473 -8.43 -6.28 -21.91
N ASP A 474 -8.76 -5.02 -22.16
CA ASP A 474 -10.14 -4.59 -22.36
C ASP A 474 -10.41 -4.46 -23.84
N GLU A 475 -11.40 -5.21 -24.35
CA GLU A 475 -11.68 -5.23 -25.77
C GLU A 475 -12.35 -3.93 -26.23
N ARG A 476 -13.24 -3.38 -25.41
CA ARG A 476 -13.93 -2.16 -25.82
C ARG A 476 -12.98 -0.97 -25.89
N PHE A 477 -12.02 -0.90 -24.97
CA PHE A 477 -11.03 0.18 -25.00
C PHE A 477 -10.15 0.07 -26.24
N LEU A 478 -9.56 -1.12 -26.46
CA LEU A 478 -8.71 -1.31 -27.64
C LEU A 478 -9.45 -0.97 -28.91
N ARG A 479 -10.70 -1.43 -29.04
CA ARG A 479 -11.50 -1.12 -30.22
C ARG A 479 -11.76 0.38 -30.33
N GLU A 480 -11.97 1.06 -29.21
CA GLU A 480 -12.32 2.47 -29.25
C GLU A 480 -11.11 3.35 -29.52
N ILE A 481 -9.96 3.05 -28.91
CA ILE A 481 -8.78 3.89 -29.17
C ILE A 481 -8.18 3.57 -30.53
N THR A 482 -8.28 2.32 -30.99
CA THR A 482 -7.84 2.00 -32.35
C THR A 482 -8.63 2.80 -33.38
N THR A 483 -9.96 2.87 -33.19
CA THR A 483 -10.81 3.62 -34.12
C THR A 483 -10.44 5.10 -34.13
N ALA A 484 -10.33 5.70 -32.94
CA ALA A 484 -9.98 7.12 -32.85
C ALA A 484 -8.63 7.39 -33.51
N MET A 485 -7.65 6.52 -33.25
CA MET A 485 -6.31 6.71 -33.81
C MET A 485 -6.32 6.58 -35.32
N ASN A 486 -7.18 5.72 -35.87
CA ASN A 486 -7.30 5.59 -37.32
C ASN A 486 -7.93 6.83 -37.94
N ASP A 487 -9.00 7.34 -37.33
CA ASP A 487 -9.69 8.49 -37.89
C ASP A 487 -8.84 9.75 -37.80
N ILE A 488 -8.11 9.93 -36.69
CA ILE A 488 -7.24 11.08 -36.55
C ILE A 488 -6.14 11.05 -37.60
N ALA A 489 -5.50 9.88 -37.77
CA ALA A 489 -4.41 9.77 -38.73
C ALA A 489 -4.89 10.04 -40.15
N ARG A 490 -6.10 9.59 -40.48
CA ARG A 490 -6.59 9.70 -41.86
C ARG A 490 -7.18 11.08 -42.15
N ASP A 491 -8.03 11.59 -41.24
CA ASP A 491 -8.78 12.80 -41.51
C ASP A 491 -8.34 14.01 -40.70
N GLY A 492 -7.57 13.83 -39.63
CA GLY A 492 -7.16 14.92 -38.78
C GLY A 492 -8.14 15.19 -37.65
N ILE A 493 -7.74 16.09 -36.76
CA ILE A 493 -8.52 16.35 -35.54
C ILE A 493 -9.85 17.01 -35.89
N MET A 494 -9.81 18.13 -36.60
CA MET A 494 -11.01 18.93 -36.81
C MET A 494 -12.09 18.14 -37.54
N LYS A 495 -11.69 17.33 -38.53
CA LYS A 495 -12.67 16.57 -39.28
C LYS A 495 -13.23 15.41 -38.46
N THR A 496 -12.48 14.94 -37.47
CA THR A 496 -12.91 13.79 -36.66
C THR A 496 -13.76 14.21 -35.46
N LEU A 497 -13.55 15.42 -34.94
CA LEU A 497 -14.29 15.88 -33.76
C LEU A 497 -15.81 15.70 -33.86
N PRO A 498 -16.49 15.99 -34.98
CA PRO A 498 -17.96 15.81 -35.01
C PRO A 498 -18.42 14.40 -34.66
N LYS A 499 -17.59 13.38 -34.84
CA LYS A 499 -17.98 12.03 -34.46
C LYS A 499 -17.96 11.81 -32.96
N TYR A 500 -17.62 12.84 -32.17
CA TYR A 500 -17.57 12.74 -30.72
C TYR A 500 -18.42 13.80 -30.04
N ILE A 501 -19.28 14.49 -30.79
CA ILE A 501 -20.13 15.55 -30.27
C ILE A 501 -21.57 15.06 -30.30
N ASN A 502 -22.28 15.26 -29.18
CA ASN A 502 -23.66 14.81 -29.00
C ASN A 502 -23.76 13.29 -29.03
N ALA B 2 30.66 -11.39 -5.93
CA ALA B 2 30.13 -11.13 -4.59
C ALA B 2 28.61 -11.13 -4.60
N PRO B 3 28.00 -11.88 -3.69
CA PRO B 3 26.54 -11.89 -3.58
C PRO B 3 25.99 -10.50 -3.32
N LEU B 4 24.76 -10.27 -3.77
CA LEU B 4 24.13 -8.96 -3.69
C LEU B 4 22.94 -8.99 -2.74
N LYS B 5 22.77 -7.91 -1.99
CA LYS B 5 21.57 -7.71 -1.19
C LYS B 5 20.33 -7.68 -2.08
N LEU B 6 19.33 -8.49 -1.73
CA LEU B 6 18.09 -8.50 -2.49
C LEU B 6 17.33 -7.20 -2.26
N ASN B 7 17.05 -6.48 -3.34
CA ASN B 7 16.24 -5.27 -3.31
C ASN B 7 15.92 -4.91 -4.77
N SER B 8 15.12 -3.87 -4.95
CA SER B 8 14.70 -3.49 -6.30
C SER B 8 15.89 -3.07 -7.16
N ARG B 9 16.86 -2.38 -6.55
CA ARG B 9 18.01 -1.87 -7.32
C ARG B 9 18.89 -3.00 -7.83
N ASN B 10 19.03 -4.08 -7.06
CA ASN B 10 19.90 -5.18 -7.45
C ASN B 10 19.17 -6.30 -8.18
N LEU B 11 17.84 -6.21 -8.31
CA LEU B 11 17.05 -7.33 -8.81
C LEU B 11 17.54 -7.79 -10.17
N SER B 12 17.75 -6.86 -11.10
CA SER B 12 18.14 -7.25 -12.46
C SER B 12 19.54 -7.81 -12.50
N GLN B 13 20.48 -7.21 -11.75
N GLN B 13 20.47 -7.24 -11.73
CA GLN B 13 21.81 -7.78 -11.63
CA GLN B 13 21.81 -7.81 -11.67
C GLN B 13 21.77 -9.20 -11.08
C GLN B 13 21.80 -9.20 -11.04
N ILE B 14 20.92 -9.43 -10.08
CA ILE B 14 20.79 -10.77 -9.49
C ILE B 14 20.33 -11.76 -10.54
N ALA B 15 19.32 -11.38 -11.34
CA ALA B 15 18.86 -12.25 -12.41
C ALA B 15 19.93 -12.44 -13.47
N ALA B 16 20.66 -11.37 -13.81
CA ALA B 16 21.68 -11.48 -14.85
C ALA B 16 22.80 -12.42 -14.42
N ALA B 17 23.26 -12.30 -13.17
CA ALA B 17 24.30 -13.20 -12.68
C ALA B 17 23.75 -14.58 -12.33
N GLY B 18 22.47 -14.64 -11.94
CA GLY B 18 21.91 -15.92 -11.54
C GLY B 18 21.58 -16.83 -12.70
N GLY B 19 21.18 -16.27 -13.83
CA GLY B 19 20.90 -17.09 -15.01
C GLY B 19 19.79 -18.08 -14.74
N ALA B 20 20.05 -19.34 -15.05
CA ALA B 20 19.05 -20.40 -14.95
C ALA B 20 18.70 -20.76 -13.51
N LEU B 21 19.43 -20.25 -12.53
CA LEU B 21 19.24 -20.63 -11.14
C LEU B 21 18.24 -19.74 -10.39
N VAL B 22 17.85 -18.61 -10.98
CA VAL B 22 17.08 -17.58 -10.28
C VAL B 22 15.92 -17.15 -11.16
N LYS B 23 14.74 -17.02 -10.56
CA LYS B 23 13.58 -16.39 -11.19
C LYS B 23 13.25 -15.12 -10.43
N ILE B 24 13.07 -14.01 -11.15
CA ILE B 24 12.70 -12.74 -10.51
C ILE B 24 11.33 -12.29 -11.00
N PRO B 25 10.58 -11.53 -10.21
CA PRO B 25 9.33 -10.96 -10.71
C PRO B 25 9.61 -9.87 -11.73
N THR B 26 9.00 -9.99 -12.90
CA THR B 26 9.17 -8.99 -13.94
C THR B 26 7.95 -8.08 -14.08
N TYR B 27 6.93 -8.26 -13.25
CA TYR B 27 5.79 -7.35 -13.23
C TYR B 27 6.12 -6.09 -12.44
N GLN B 28 5.37 -5.02 -12.72
CA GLN B 28 5.54 -3.77 -11.99
C GLN B 28 5.06 -3.92 -10.55
N ARG B 29 5.74 -3.24 -9.64
CA ARG B 29 5.40 -3.24 -8.22
C ARG B 29 5.24 -1.81 -7.69
N GLY B 30 5.17 -1.67 -6.38
CA GLY B 30 5.13 -0.34 -5.78
C GLY B 30 3.81 0.36 -6.05
N ARG B 31 3.90 1.64 -6.41
CA ARG B 31 2.73 2.46 -6.67
C ARG B 31 1.92 1.98 -7.85
N ALA B 32 2.45 1.06 -8.65
CA ALA B 32 1.75 0.58 -9.83
C ALA B 32 0.72 -0.51 -9.54
N VAL B 33 0.67 -1.03 -8.32
CA VAL B 33 -0.28 -2.08 -7.96
C VAL B 33 -1.13 -1.60 -6.79
N LYS B 34 -2.28 -2.25 -6.63
CA LYS B 34 -3.19 -2.01 -5.52
C LYS B 34 -3.14 -3.19 -4.57
N GLU B 35 -3.15 -2.90 -3.27
CA GLU B 35 -2.99 -3.93 -2.25
C GLU B 35 -4.36 -4.46 -1.85
N GLY B 36 -4.88 -5.35 -2.70
CA GLY B 36 -6.20 -5.93 -2.49
C GLY B 36 -6.26 -6.95 -1.36
N ILE B 37 -5.11 -7.46 -0.92
CA ILE B 37 -5.06 -8.42 0.18
C ILE B 37 -4.27 -7.80 1.33
N VAL B 38 -4.86 -7.80 2.51
CA VAL B 38 -4.15 -7.48 3.75
C VAL B 38 -4.00 -8.80 4.50
N HIS B 39 -2.77 -9.22 4.75
CA HIS B 39 -2.53 -10.50 5.40
C HIS B 39 -2.01 -10.30 6.81
N ILE B 40 -2.78 -10.75 7.80
CA ILE B 40 -2.40 -10.69 9.20
C ILE B 40 -1.55 -11.91 9.53
N GLY B 41 -0.32 -11.67 9.99
CA GLY B 41 0.56 -12.74 10.42
C GLY B 41 1.47 -13.29 9.34
N VAL B 42 2.32 -12.43 8.78
CA VAL B 42 3.23 -12.86 7.72
C VAL B 42 4.26 -13.81 8.32
N GLY B 43 4.18 -15.09 7.94
CA GLY B 43 5.15 -16.07 8.38
C GLY B 43 5.59 -16.95 7.23
N GLY B 44 6.22 -18.09 7.56
CA GLY B 44 6.70 -18.97 6.52
C GLY B 44 5.60 -19.50 5.61
N PHE B 45 4.48 -19.94 6.21
CA PHE B 45 3.46 -20.57 5.37
C PHE B 45 2.84 -19.56 4.43
N HIS B 46 2.46 -18.37 4.92
CA HIS B 46 1.92 -17.36 4.03
C HIS B 46 2.87 -17.08 2.89
N ARG B 47 4.15 -16.92 3.19
CA ARG B 47 5.12 -16.51 2.18
C ARG B 47 5.49 -17.63 1.23
N ALA B 48 5.20 -18.89 1.57
CA ALA B 48 5.43 -19.99 0.65
C ALA B 48 4.18 -20.45 -0.08
N HIS B 49 2.99 -20.01 0.35
CA HIS B 49 1.75 -20.54 -0.17
C HIS B 49 0.90 -19.45 -0.80
N LEU B 50 0.13 -18.70 -0.01
CA LEU B 50 -0.73 -17.67 -0.59
C LEU B 50 0.08 -16.66 -1.39
N ALA B 51 1.16 -16.15 -0.81
CA ALA B 51 1.94 -15.12 -1.50
C ALA B 51 2.45 -15.61 -2.85
N VAL B 52 2.75 -16.91 -2.97
CA VAL B 52 3.28 -17.43 -4.22
C VAL B 52 2.18 -17.55 -5.28
N TYR B 53 0.97 -17.95 -4.87
CA TYR B 53 -0.15 -17.92 -5.81
C TYR B 53 -0.39 -16.52 -6.34
N ILE B 54 -0.35 -15.51 -5.45
CA ILE B 54 -0.53 -14.14 -5.89
C ILE B 54 0.60 -13.71 -6.81
N ASP B 55 1.83 -14.09 -6.48
CA ASP B 55 2.97 -13.81 -7.35
C ASP B 55 2.75 -14.38 -8.75
N GLN B 56 2.20 -15.59 -8.85
CA GLN B 56 1.97 -16.19 -10.16
C GLN B 56 0.87 -15.45 -10.92
N LEU B 57 -0.16 -15.00 -10.22
CA LEU B 57 -1.21 -14.22 -10.86
C LEU B 57 -0.69 -12.88 -11.37
N MET B 58 0.19 -12.24 -10.60
CA MET B 58 0.74 -10.96 -11.02
C MET B 58 1.72 -11.13 -12.18
N GLN B 59 2.43 -12.27 -12.22
CA GLN B 59 3.42 -12.49 -13.27
C GLN B 59 2.77 -12.86 -14.60
N LYS B 60 1.73 -13.68 -14.57
CA LYS B 60 1.26 -14.35 -15.78
C LYS B 60 -0.16 -14.00 -16.18
N HIS B 61 -0.96 -13.39 -15.30
CA HIS B 61 -2.38 -13.29 -15.55
C HIS B 61 -2.94 -11.87 -15.42
N GLY B 62 -2.07 -10.86 -15.39
CA GLY B 62 -2.52 -9.48 -15.41
C GLY B 62 -3.28 -9.05 -14.19
N VAL B 63 -3.10 -9.73 -13.07
CA VAL B 63 -3.78 -9.37 -11.82
C VAL B 63 -2.89 -8.38 -11.07
N ASN B 64 -3.31 -7.11 -11.03
CA ASN B 64 -2.50 -6.08 -10.39
C ASN B 64 -3.22 -5.37 -9.25
N ASP B 65 -4.36 -5.89 -8.79
CA ASP B 65 -5.09 -5.26 -7.71
C ASP B 65 -5.22 -6.15 -6.48
N TYR B 66 -4.43 -7.21 -6.37
CA TYR B 66 -4.46 -8.11 -5.22
C TYR B 66 -3.07 -8.34 -4.65
N ALA B 67 -2.20 -7.34 -4.78
CA ALA B 67 -0.94 -7.37 -4.07
C ALA B 67 -1.19 -7.37 -2.56
N ILE B 68 -0.18 -7.79 -1.81
CA ILE B 68 -0.33 -8.07 -0.40
C ILE B 68 0.29 -6.96 0.44
N CYS B 69 -0.47 -6.44 1.39
CA CYS B 69 0.08 -5.66 2.49
C CYS B 69 0.16 -6.59 3.69
N GLY B 70 1.38 -6.91 4.12
CA GLY B 70 1.54 -7.72 5.30
C GLY B 70 1.35 -6.93 6.58
N VAL B 71 0.82 -7.61 7.60
CA VAL B 71 0.53 -7.00 8.90
C VAL B 71 1.07 -7.91 9.99
N GLY B 72 1.80 -7.34 10.94
CA GLY B 72 2.28 -8.08 12.08
C GLY B 72 1.73 -7.55 13.39
N LEU B 73 1.08 -8.39 14.17
CA LEU B 73 0.47 -7.95 15.43
C LEU B 73 1.34 -8.21 16.65
N GLN B 74 2.34 -9.04 16.53
CA GLN B 74 3.11 -9.53 17.65
C GLN B 74 4.43 -8.78 17.76
N PRO B 75 4.98 -8.66 18.98
CA PRO B 75 6.18 -7.83 19.19
C PRO B 75 7.33 -8.13 18.25
N PHE B 76 7.70 -9.39 18.07
CA PHE B 76 8.88 -9.69 17.28
C PHE B 76 8.58 -9.82 15.79
N ASP B 77 7.37 -9.45 15.36
CA ASP B 77 7.13 -9.19 13.93
C ASP B 77 7.91 -7.98 13.43
N SER B 78 8.51 -7.20 14.34
CA SER B 78 9.44 -6.17 13.94
C SER B 78 10.56 -6.74 13.07
N ALA B 79 10.95 -7.98 13.32
CA ALA B 79 12.00 -8.61 12.52
C ALA B 79 11.53 -8.85 11.09
N MET B 80 10.25 -9.16 10.90
CA MET B 80 9.72 -9.30 9.54
C MET B 80 9.60 -7.94 8.87
N ARG B 81 9.20 -6.91 9.63
CA ARG B 81 9.18 -5.56 9.09
C ARG B 81 10.57 -5.16 8.59
N ASP B 82 11.59 -5.39 9.42
CA ASP B 82 12.95 -4.93 9.08
C ASP B 82 13.51 -5.72 7.90
N ALA B 83 13.31 -7.04 7.90
CA ALA B 83 13.80 -7.86 6.79
C ALA B 83 13.17 -7.43 5.48
N LEU B 84 11.85 -7.29 5.45
CA LEU B 84 11.16 -6.97 4.21
C LEU B 84 11.46 -5.54 3.77
N ALA B 85 11.49 -4.59 4.72
CA ALA B 85 11.72 -3.20 4.33
C ALA B 85 13.10 -2.98 3.73
N SER B 86 14.11 -3.71 4.21
CA SER B 86 15.46 -3.57 3.67
C SER B 86 15.58 -4.16 2.28
N GLN B 87 14.56 -4.87 1.80
CA GLN B 87 14.61 -5.57 0.52
C GLN B 87 13.48 -5.10 -0.40
N ASP B 88 12.87 -3.96 -0.10
CA ASP B 88 11.73 -3.44 -0.86
C ASP B 88 10.60 -4.47 -0.89
N HIS B 89 10.48 -5.24 0.19
CA HIS B 89 9.48 -6.27 0.45
C HIS B 89 9.59 -7.46 -0.48
N LEU B 90 10.70 -7.56 -1.22
CA LEU B 90 11.07 -8.80 -1.92
C LEU B 90 11.68 -9.79 -0.94
N TYR B 91 11.47 -11.08 -1.21
CA TYR B 91 12.14 -12.15 -0.47
C TYR B 91 12.28 -13.35 -1.40
N THR B 92 13.21 -14.23 -1.08
CA THR B 92 13.50 -15.38 -1.92
C THR B 92 12.77 -16.62 -1.41
N LEU B 93 12.09 -17.31 -2.31
CA LEU B 93 11.55 -18.63 -2.04
C LEU B 93 12.55 -19.66 -2.53
N ILE B 94 13.12 -20.45 -1.63
CA ILE B 94 14.10 -21.47 -1.98
C ILE B 94 13.34 -22.79 -2.09
N GLU B 95 13.10 -23.24 -3.33
CA GLU B 95 12.42 -24.51 -3.56
C GLU B 95 13.44 -25.64 -3.56
N ARG B 96 13.22 -26.64 -2.70
CA ARG B 96 14.13 -27.76 -2.55
C ARG B 96 13.40 -29.03 -2.97
N SER B 97 13.99 -29.77 -3.91
CA SER B 97 13.43 -31.02 -4.40
C SER B 97 14.56 -31.92 -4.86
N ALA B 98 14.19 -33.11 -5.36
CA ALA B 98 15.18 -34.01 -5.93
C ALA B 98 15.92 -33.36 -7.11
N LYS B 99 15.27 -32.45 -7.82
CA LYS B 99 15.89 -31.71 -8.92
C LYS B 99 16.93 -30.71 -8.44
N GLY B 100 17.14 -30.57 -7.14
CA GLY B 100 18.05 -29.58 -6.59
C GLY B 100 17.32 -28.43 -5.95
N SER B 101 18.01 -27.29 -5.88
CA SER B 101 17.46 -26.07 -5.30
C SER B 101 17.31 -25.01 -6.36
N PHE B 102 16.23 -24.24 -6.26
CA PHE B 102 15.92 -23.15 -7.17
C PHE B 102 15.49 -21.93 -6.36
N ALA B 103 15.95 -20.75 -6.76
CA ALA B 103 15.67 -19.51 -6.06
C ALA B 103 14.63 -18.71 -6.83
N HIS B 104 13.44 -18.58 -6.24
CA HIS B 104 12.34 -17.86 -6.87
C HIS B 104 12.04 -16.63 -6.02
N VAL B 105 12.45 -15.47 -6.50
CA VAL B 105 12.20 -14.22 -5.79
C VAL B 105 10.73 -13.85 -5.92
N ILE B 106 10.07 -13.63 -4.80
CA ILE B 106 8.64 -13.34 -4.75
C ILE B 106 8.45 -11.84 -4.61
N GLY B 107 7.54 -11.28 -5.40
CA GLY B 107 7.30 -9.84 -5.34
C GLY B 107 5.88 -9.45 -5.01
N SER B 108 5.05 -10.41 -4.60
CA SER B 108 3.64 -10.14 -4.34
C SER B 108 3.39 -9.41 -3.03
N ILE B 109 4.30 -9.44 -2.07
CA ILE B 109 4.16 -8.61 -0.87
C ILE B 109 4.69 -7.23 -1.21
N ASN B 110 3.82 -6.22 -1.12
CA ASN B 110 4.14 -4.88 -1.61
C ASN B 110 4.44 -3.88 -0.50
N SER B 111 4.04 -4.17 0.73
CA SER B 111 4.25 -3.27 1.86
C SER B 111 3.99 -4.08 3.13
N TYR B 112 4.33 -3.47 4.28
CA TYR B 112 4.18 -4.17 5.56
C TYR B 112 3.92 -3.16 6.66
N LEU B 113 2.94 -3.44 7.51
CA LEU B 113 2.60 -2.60 8.65
C LEU B 113 2.86 -3.38 9.94
N PHE B 114 3.79 -2.89 10.75
CA PHE B 114 4.00 -3.40 12.10
C PHE B 114 3.00 -2.70 13.00
N ALA B 115 1.94 -3.43 13.40
CA ALA B 115 0.80 -2.80 14.06
C ALA B 115 1.15 -2.00 15.31
N PRO B 116 2.04 -2.47 16.21
CA PRO B 116 2.31 -1.67 17.42
C PRO B 116 2.85 -0.26 17.14
N ASP B 117 3.53 -0.05 16.01
CA ASP B 117 4.02 1.30 15.70
C ASP B 117 2.88 2.27 15.40
N ASN B 118 1.76 1.77 14.86
CA ASN B 118 0.65 2.62 14.46
C ASN B 118 -0.58 1.74 14.23
N ARG B 119 -1.41 1.58 15.25
CA ARG B 119 -2.55 0.68 15.13
C ARG B 119 -3.63 1.28 14.22
N GLU B 120 -3.81 2.60 14.25
CA GLU B 120 -4.78 3.24 13.37
C GLU B 120 -4.42 3.02 11.90
N ALA B 121 -3.13 2.98 11.57
CA ALA B 121 -2.74 2.74 10.19
C ALA B 121 -3.26 1.39 9.70
N VAL B 122 -3.26 0.38 10.56
CA VAL B 122 -3.73 -0.94 10.16
C VAL B 122 -5.25 -0.93 9.97
N ILE B 123 -5.98 -0.31 10.90
CA ILE B 123 -7.44 -0.19 10.75
C ILE B 123 -7.79 0.51 9.46
N ALA B 124 -7.13 1.64 9.18
CA ALA B 124 -7.44 2.42 7.99
C ALA B 124 -7.13 1.64 6.73
N LYS B 125 -6.04 0.88 6.73
CA LYS B 125 -5.72 0.03 5.58
C LYS B 125 -6.82 -1.00 5.33
N MET B 126 -7.32 -1.64 6.39
CA MET B 126 -8.38 -2.63 6.24
C MET B 126 -9.67 -2.00 5.77
N ALA B 127 -9.95 -0.77 6.20
CA ALA B 127 -11.16 -0.07 5.80
C ALA B 127 -11.07 0.50 4.40
N HIS B 128 -9.87 0.59 3.83
CA HIS B 128 -9.70 1.22 2.54
C HIS B 128 -10.44 0.45 1.45
N PRO B 129 -11.07 1.15 0.49
CA PRO B 129 -11.79 0.45 -0.59
C PRO B 129 -10.93 -0.48 -1.43
N ASP B 130 -9.61 -0.26 -1.49
CA ASP B 130 -8.75 -1.18 -2.22
C ASP B 130 -8.70 -2.56 -1.57
N THR B 131 -8.92 -2.62 -0.26
CA THR B 131 -8.89 -3.90 0.45
C THR B 131 -10.12 -4.71 0.11
N LYS B 132 -9.92 -5.89 -0.48
CA LYS B 132 -10.99 -6.82 -0.81
C LYS B 132 -10.96 -8.09 0.03
N ILE B 133 -9.80 -8.46 0.55
CA ILE B 133 -9.59 -9.69 1.31
C ILE B 133 -8.65 -9.38 2.46
N VAL B 134 -9.02 -9.79 3.68
CA VAL B 134 -8.09 -9.88 4.79
C VAL B 134 -7.85 -11.35 5.07
N SER B 135 -6.63 -11.80 4.84
CA SER B 135 -6.26 -13.20 5.05
C SER B 135 -5.49 -13.36 6.36
N LEU B 136 -5.48 -14.58 6.88
CA LEU B 136 -4.95 -14.85 8.22
C LEU B 136 -4.03 -16.07 8.23
N THR B 137 -2.88 -15.93 8.88
CA THR B 137 -2.16 -17.06 9.48
C THR B 137 -1.76 -16.61 10.88
N ILE B 138 -2.67 -16.75 11.84
CA ILE B 138 -2.46 -16.27 13.20
C ILE B 138 -2.29 -17.40 14.21
N THR B 139 -2.28 -18.65 13.75
CA THR B 139 -2.23 -19.87 14.57
C THR B 139 -3.51 -20.05 15.38
N GLU B 140 -3.70 -21.26 15.92
CA GLU B 140 -4.95 -21.61 16.57
C GLU B 140 -5.24 -20.71 17.77
N SER B 141 -4.20 -20.38 18.55
CA SER B 141 -4.42 -19.58 19.75
C SER B 141 -4.88 -18.17 19.44
N GLY B 142 -4.66 -17.69 18.22
CA GLY B 142 -5.11 -16.35 17.86
C GLY B 142 -6.61 -16.22 17.68
N TYR B 143 -7.35 -17.34 17.69
CA TYR B 143 -8.79 -17.31 17.43
C TYR B 143 -9.63 -17.26 18.70
N TYR B 144 -9.01 -17.35 19.88
CA TYR B 144 -9.72 -17.23 21.15
C TYR B 144 -10.97 -18.12 21.17
N TYR B 145 -10.80 -19.36 20.71
CA TYR B 145 -11.90 -20.29 20.48
C TYR B 145 -11.92 -21.34 21.58
N ASN B 146 -13.05 -21.44 22.28
CA ASN B 146 -13.28 -22.50 23.25
C ASN B 146 -13.94 -23.65 22.49
N GLU B 147 -13.15 -24.69 22.19
CA GLU B 147 -13.67 -25.81 21.42
C GLU B 147 -14.72 -26.60 22.19
N ASN B 148 -14.71 -26.54 23.51
CA ASN B 148 -15.64 -27.34 24.29
C ASN B 148 -17.05 -26.75 24.28
N THR B 149 -17.18 -25.43 24.36
CA THR B 149 -18.48 -24.78 24.36
C THR B 149 -18.87 -24.19 23.00
N HIS B 150 -17.97 -24.22 22.02
CA HIS B 150 -18.18 -23.57 20.72
C HIS B 150 -18.52 -22.11 20.89
N GLU B 151 -17.67 -21.39 21.63
CA GLU B 151 -17.88 -19.98 21.92
C GLU B 151 -16.56 -19.22 21.83
N LEU B 152 -16.67 -17.94 21.53
CA LEU B 152 -15.57 -17.01 21.71
C LEU B 152 -15.22 -16.88 23.20
N GLN B 153 -13.92 -16.89 23.50
CA GLN B 153 -13.45 -16.67 24.87
C GLN B 153 -13.53 -15.18 25.18
N SER B 154 -14.76 -14.69 25.30
CA SER B 154 -14.97 -13.25 25.43
C SER B 154 -14.50 -12.72 26.77
N GLU B 155 -14.38 -13.59 27.78
CA GLU B 155 -13.83 -13.15 29.07
C GLU B 155 -12.32 -13.05 29.06
N HIS B 156 -11.64 -13.57 28.04
CA HIS B 156 -10.19 -13.47 28.03
C HIS B 156 -9.78 -12.00 28.08
N PRO B 157 -8.72 -11.66 28.83
CA PRO B 157 -8.35 -10.24 28.97
C PRO B 157 -8.04 -9.55 27.65
N ASP B 158 -7.52 -10.27 26.65
CA ASP B 158 -7.28 -9.66 25.35
C ASP B 158 -8.58 -9.25 24.68
N ILE B 159 -9.60 -10.10 24.77
CA ILE B 159 -10.89 -9.78 24.16
C ILE B 159 -11.58 -8.68 24.94
N GLN B 160 -11.55 -8.77 26.27
CA GLN B 160 -12.08 -7.69 27.10
C GLN B 160 -11.44 -6.35 26.74
N PHE B 161 -10.11 -6.34 26.55
CA PHE B 161 -9.42 -5.10 26.17
C PHE B 161 -9.96 -4.55 24.86
N ASP B 162 -10.14 -5.41 23.86
CA ASP B 162 -10.59 -4.94 22.55
C ASP B 162 -12.04 -4.51 22.54
N LEU B 163 -12.86 -5.03 23.46
CA LEU B 163 -14.25 -4.63 23.57
C LEU B 163 -14.43 -3.31 24.32
N ASP B 164 -13.41 -2.86 25.03
CA ASP B 164 -13.49 -1.64 25.81
C ASP B 164 -13.53 -0.43 24.88
N PRO B 165 -14.55 0.42 24.96
CA PRO B 165 -14.61 1.60 24.06
C PRO B 165 -13.37 2.48 24.13
N ALA B 166 -12.67 2.48 25.26
CA ALA B 166 -11.41 3.24 25.35
C ALA B 166 -10.39 2.79 24.31
N ASN B 167 -10.50 1.56 23.81
CA ASN B 167 -9.50 1.00 22.91
C ASN B 167 -10.04 0.76 21.51
N GLU B 168 -11.10 1.48 21.10
CA GLU B 168 -11.67 1.19 19.79
C GLU B 168 -10.75 1.57 18.64
N LYS B 169 -9.80 2.47 18.85
CA LYS B 169 -8.79 2.79 17.84
C LYS B 169 -7.45 2.12 18.09
N ALA B 170 -7.35 1.27 19.12
CA ALA B 170 -6.10 0.57 19.41
C ALA B 170 -6.38 -0.88 19.82
N PRO B 171 -7.00 -1.67 18.93
CA PRO B 171 -7.17 -3.09 19.25
C PRO B 171 -5.83 -3.81 19.29
N ARG B 172 -5.82 -4.96 19.96
CA ARG B 172 -4.64 -5.80 20.03
C ARG B 172 -4.82 -7.15 19.34
N THR B 173 -6.04 -7.66 19.23
CA THR B 173 -6.29 -8.96 18.63
C THR B 173 -6.74 -8.81 17.18
N THR B 174 -6.68 -9.93 16.45
CA THR B 174 -7.17 -9.97 15.08
C THR B 174 -8.62 -9.51 15.00
N PHE B 175 -9.46 -9.99 15.92
CA PHE B 175 -10.87 -9.65 15.86
C PHE B 175 -11.12 -8.18 16.18
N GLY B 176 -10.29 -7.60 17.04
CA GLY B 176 -10.38 -6.16 17.27
C GLY B 176 -10.08 -5.35 16.01
N PHE B 177 -9.04 -5.75 15.27
CA PHE B 177 -8.72 -5.04 14.04
C PHE B 177 -9.79 -5.28 12.98
N LEU B 178 -10.20 -6.54 12.79
CA LEU B 178 -11.21 -6.85 11.79
C LEU B 178 -12.49 -6.06 12.05
N TYR B 179 -12.94 -6.02 13.31
CA TYR B 179 -14.17 -5.33 13.61
C TYR B 179 -14.05 -3.83 13.41
N ALA B 180 -12.92 -3.25 13.83
CA ALA B 180 -12.70 -1.81 13.65
C ALA B 180 -12.73 -1.45 12.16
N GLY B 181 -12.03 -2.22 11.33
CA GLY B 181 -12.06 -1.93 9.90
C GLY B 181 -13.43 -2.15 9.30
N LEU B 182 -14.13 -3.20 9.73
CA LEU B 182 -15.43 -3.52 9.14
C LEU B 182 -16.49 -2.48 9.51
N THR B 183 -16.44 -1.95 10.74
CA THR B 183 -17.43 -0.95 11.13
C THR B 183 -17.29 0.31 10.28
N ARG B 184 -16.06 0.69 9.93
CA ARG B 184 -15.88 1.84 9.05
C ARG B 184 -16.43 1.56 7.66
N ARG B 185 -16.23 0.34 7.15
CA ARG B 185 -16.75 0.00 5.83
C ARG B 185 -18.28 -0.04 5.83
N TYR B 186 -18.87 -0.53 6.93
CA TYR B 186 -20.33 -0.50 7.04
C TYR B 186 -20.87 0.92 6.97
N GLN B 187 -20.22 1.86 7.66
CA GLN B 187 -20.71 3.24 7.65
C GLN B 187 -20.44 3.93 6.32
N GLN B 188 -19.41 3.48 5.58
CA GLN B 188 -19.07 4.09 4.30
C GLN B 188 -19.81 3.45 3.12
N GLY B 189 -20.69 2.48 3.37
CA GLY B 189 -21.43 1.86 2.30
C GLY B 189 -20.68 0.80 1.52
N LEU B 190 -19.49 0.41 1.97
CA LEU B 190 -18.71 -0.61 1.29
C LEU B 190 -19.22 -2.00 1.70
N LYS B 191 -18.79 -3.00 0.94
CA LYS B 191 -19.07 -4.38 1.32
C LYS B 191 -18.03 -4.85 2.32
N PRO B 192 -18.34 -5.88 3.10
CA PRO B 192 -17.31 -6.48 3.96
C PRO B 192 -16.21 -7.06 3.08
N PHE B 193 -14.95 -6.85 3.49
CA PHE B 193 -13.91 -7.65 2.88
C PHE B 193 -14.11 -9.11 3.26
N THR B 194 -13.68 -10.01 2.37
CA THR B 194 -13.62 -11.42 2.74
C THR B 194 -12.56 -11.60 3.82
N VAL B 195 -12.88 -12.40 4.84
CA VAL B 195 -11.88 -12.85 5.81
C VAL B 195 -11.52 -14.28 5.46
N MET B 196 -10.28 -14.48 5.04
CA MET B 196 -9.82 -15.72 4.41
C MET B 196 -8.76 -16.35 5.30
N SER B 197 -9.20 -17.21 6.23
CA SER B 197 -8.26 -17.90 7.09
C SER B 197 -7.46 -18.92 6.28
N CYS B 198 -6.13 -18.83 6.37
CA CYS B 198 -5.24 -19.81 5.78
C CYS B 198 -4.50 -20.60 6.84
N ASP B 199 -4.99 -20.58 8.07
CA ASP B 199 -4.38 -21.39 9.11
C ASP B 199 -4.68 -22.86 8.87
N ASN B 200 -3.67 -23.70 9.11
CA ASN B 200 -3.79 -25.14 8.92
C ASN B 200 -4.49 -25.70 10.16
N MET B 201 -5.79 -25.47 10.23
CA MET B 201 -6.61 -25.93 11.33
C MET B 201 -7.98 -26.25 10.77
N GLN B 202 -8.63 -27.26 11.34
CA GLN B 202 -9.93 -27.68 10.84
C GLN B 202 -10.96 -26.58 11.09
N LYS B 203 -11.97 -26.52 10.21
CA LYS B 203 -13.06 -25.56 10.32
C LYS B 203 -12.55 -24.12 10.35
N ASN B 204 -11.50 -23.82 9.55
CA ASN B 204 -10.87 -22.52 9.70
C ASN B 204 -11.80 -21.38 9.32
N GLY B 205 -12.59 -21.56 8.26
CA GLY B 205 -13.54 -20.52 7.89
C GLY B 205 -14.68 -20.39 8.88
N SER B 206 -15.27 -21.51 9.27
N SER B 206 -15.26 -21.51 9.29
CA SER B 206 -16.42 -21.48 10.17
CA SER B 206 -16.42 -21.47 10.17
C SER B 206 -16.04 -20.90 11.52
C SER B 206 -16.06 -20.92 11.54
N ILE B 207 -14.87 -21.26 12.04
CA ILE B 207 -14.43 -20.72 13.33
C ILE B 207 -14.18 -19.22 13.22
N THR B 208 -13.51 -18.79 12.14
CA THR B 208 -13.31 -17.36 11.93
C THR B 208 -14.64 -16.61 11.92
N ARG B 209 -15.60 -17.14 11.16
CA ARG B 209 -16.93 -16.54 11.09
C ARG B 209 -17.57 -16.47 12.47
N HIS B 210 -17.55 -17.58 13.21
CA HIS B 210 -18.24 -17.62 14.50
C HIS B 210 -17.59 -16.68 15.50
N MET B 211 -16.26 -16.63 15.53
CA MET B 211 -15.58 -15.76 16.48
C MET B 211 -15.83 -14.29 16.16
N LEU B 212 -15.74 -13.90 14.89
CA LEU B 212 -15.93 -12.49 14.56
C LEU B 212 -17.39 -12.08 14.71
N GLU B 213 -18.33 -12.94 14.29
CA GLU B 213 -19.74 -12.65 14.54
C GLU B 213 -20.01 -12.48 16.02
N SER B 214 -19.46 -13.37 16.85
CA SER B 214 -19.68 -13.29 18.30
C SER B 214 -19.08 -12.02 18.89
N PHE B 215 -17.87 -11.67 18.46
CA PHE B 215 -17.23 -10.43 18.91
C PHE B 215 -18.07 -9.22 18.52
N ALA B 216 -18.55 -9.21 17.28
CA ALA B 216 -19.34 -8.07 16.81
C ALA B 216 -20.65 -7.95 17.56
N ARG B 217 -21.25 -9.06 17.98
CA ARG B 217 -22.50 -9.01 18.73
C ARG B 217 -22.34 -8.40 20.12
N LEU B 218 -21.12 -8.42 20.67
CA LEU B 218 -20.84 -7.71 21.91
C LEU B 218 -20.52 -6.24 21.66
N ARG B 219 -20.51 -5.81 20.41
CA ARG B 219 -20.29 -4.41 20.08
C ARG B 219 -21.60 -3.85 19.53
N ASN B 220 -21.81 -3.88 18.21
CA ASN B 220 -23.06 -3.42 17.60
C ASN B 220 -23.72 -4.58 16.88
N PRO B 221 -24.85 -5.10 17.37
CA PRO B 221 -25.49 -6.23 16.68
C PRO B 221 -25.93 -5.92 15.26
N GLU B 222 -26.12 -4.64 14.91
CA GLU B 222 -26.46 -4.33 13.52
C GLU B 222 -25.26 -4.53 12.61
N VAL B 223 -24.06 -4.17 13.07
CA VAL B 223 -22.85 -4.50 12.33
C VAL B 223 -22.66 -6.01 12.29
N ALA B 224 -22.96 -6.70 13.40
CA ALA B 224 -22.78 -8.15 13.44
C ALA B 224 -23.68 -8.85 12.43
N GLU B 225 -24.94 -8.41 12.32
CA GLU B 225 -25.84 -9.01 11.34
C GLU B 225 -25.37 -8.73 9.92
N TRP B 226 -24.84 -7.53 9.68
CA TRP B 226 -24.31 -7.20 8.36
C TRP B 226 -23.09 -8.04 8.03
N ILE B 227 -22.18 -8.22 9.01
CA ILE B 227 -21.05 -9.13 8.80
C ILE B 227 -21.56 -10.53 8.49
N ALA B 228 -22.53 -11.02 9.25
CA ALA B 228 -23.03 -12.37 9.06
C ALA B 228 -23.68 -12.53 7.69
N GLU B 229 -24.50 -11.55 7.28
CA GLU B 229 -25.31 -11.72 6.08
C GLU B 229 -24.54 -11.36 4.81
N GLU B 230 -23.71 -10.31 4.85
CA GLU B 230 -23.02 -9.84 3.67
C GLU B 230 -21.55 -10.22 3.62
N GLY B 231 -20.97 -10.69 4.73
CA GLY B 231 -19.57 -11.04 4.75
C GLY B 231 -19.29 -12.39 4.14
N ALA B 232 -18.02 -12.79 4.18
CA ALA B 232 -17.60 -14.07 3.61
C ALA B 232 -16.45 -14.62 4.43
N PHE B 233 -16.53 -15.90 4.77
CA PHE B 233 -15.54 -16.59 5.60
C PHE B 233 -15.29 -17.96 5.01
N PRO B 234 -14.66 -18.03 3.84
CA PRO B 234 -14.52 -19.31 3.15
C PRO B 234 -13.67 -20.29 3.93
N ASN B 235 -14.13 -21.54 4.00
CA ASN B 235 -13.32 -22.62 4.53
C ASN B 235 -12.32 -23.08 3.48
N ALA B 236 -11.20 -23.64 3.93
CA ALA B 236 -10.15 -23.97 2.98
C ALA B 236 -9.25 -25.06 3.54
N MET B 237 -8.67 -25.84 2.62
CA MET B 237 -7.59 -26.77 2.93
C MET B 237 -6.32 -26.22 2.31
N VAL B 238 -5.25 -26.13 3.10
CA VAL B 238 -3.97 -25.57 2.66
C VAL B 238 -2.88 -26.60 2.91
N ASP B 239 -1.95 -26.72 1.95
CA ASP B 239 -0.93 -27.77 2.05
C ASP B 239 0.32 -27.33 1.30
N ARG B 240 1.40 -27.08 2.04
CA ARG B 240 2.75 -26.94 1.49
C ARG B 240 3.76 -27.05 2.64
N ILE B 241 4.65 -28.03 2.56
CA ILE B 241 5.64 -28.24 3.61
C ILE B 241 6.65 -27.10 3.59
N THR B 242 6.76 -26.38 4.70
CA THR B 242 7.53 -25.15 4.76
C THR B 242 8.29 -25.10 6.09
N PRO B 243 9.50 -25.64 6.14
CA PRO B 243 10.28 -25.59 7.38
C PRO B 243 10.79 -24.18 7.64
N GLN B 244 11.30 -23.98 8.84
CA GLN B 244 11.88 -22.70 9.19
C GLN B 244 13.26 -22.53 8.53
N THR B 245 13.65 -21.27 8.35
CA THR B 245 14.92 -20.94 7.70
C THR B 245 16.03 -20.85 8.74
N SER B 246 17.12 -21.56 8.49
CA SER B 246 18.30 -21.52 9.34
C SER B 246 19.35 -20.58 8.75
N GLU B 247 20.34 -20.23 9.59
CA GLU B 247 21.43 -19.39 9.12
C GLU B 247 22.24 -20.08 8.02
N THR B 248 22.39 -21.39 8.12
CA THR B 248 23.07 -22.14 7.06
C THR B 248 22.31 -22.04 5.74
N ASP B 249 20.98 -22.01 5.81
CA ASP B 249 20.18 -21.83 4.59
C ASP B 249 20.50 -20.49 3.92
N LYS B 250 20.63 -19.43 4.72
CA LYS B 250 20.90 -18.12 4.15
C LYS B 250 22.31 -18.02 3.58
N THR B 251 23.27 -18.71 4.19
CA THR B 251 24.62 -18.73 3.64
C THR B 251 24.66 -19.50 2.32
N ALA B 252 23.94 -20.62 2.24
CA ALA B 252 23.91 -21.40 1.01
C ALA B 252 23.26 -20.62 -0.12
N LEU B 253 22.21 -19.86 0.19
CA LEU B 253 21.58 -19.03 -0.82
C LEU B 253 22.55 -18.01 -1.41
N ALA B 254 23.31 -17.34 -0.53
CA ALA B 254 24.28 -16.36 -1.01
C ALA B 254 25.35 -17.02 -1.88
N GLU B 255 25.87 -18.17 -1.45
CA GLU B 255 26.99 -18.78 -2.16
C GLU B 255 26.56 -19.38 -3.50
N LYS B 256 25.35 -19.92 -3.56
CA LYS B 256 24.91 -20.64 -4.75
C LYS B 256 24.17 -19.76 -5.75
N PHE B 257 23.38 -18.81 -5.25
CA PHE B 257 22.52 -17.99 -6.09
C PHE B 257 22.91 -16.53 -6.10
N GLY B 258 23.92 -16.13 -5.32
CA GLY B 258 24.36 -14.74 -5.30
C GLY B 258 23.39 -13.77 -4.67
N ILE B 259 22.54 -14.22 -3.76
CA ILE B 259 21.50 -13.39 -3.15
C ILE B 259 21.76 -13.31 -1.66
N VAL B 260 21.90 -12.09 -1.14
CA VAL B 260 21.91 -11.86 0.30
C VAL B 260 20.47 -11.54 0.70
N ASP B 261 19.85 -12.44 1.48
CA ASP B 261 18.46 -12.30 1.89
C ASP B 261 18.40 -12.38 3.40
N SER B 262 17.82 -11.35 4.03
CA SER B 262 17.67 -11.33 5.49
C SER B 262 16.74 -12.42 5.99
N TRP B 263 15.78 -12.85 5.17
CA TRP B 263 14.85 -13.87 5.64
C TRP B 263 14.18 -14.57 4.46
N PRO B 264 14.91 -15.41 3.74
CA PRO B 264 14.29 -16.20 2.68
C PRO B 264 13.45 -17.31 3.28
N VAL B 265 12.69 -17.99 2.43
CA VAL B 265 11.76 -19.03 2.84
C VAL B 265 12.10 -20.31 2.10
N VAL B 266 12.13 -21.43 2.84
CA VAL B 266 12.48 -22.74 2.30
C VAL B 266 11.21 -23.58 2.19
N THR B 267 11.05 -24.28 1.07
CA THR B 267 9.81 -25.02 0.85
C THR B 267 10.02 -26.11 -0.19
N GLU B 268 9.03 -26.99 -0.29
CA GLU B 268 8.96 -28.00 -1.34
C GLU B 268 8.34 -27.40 -2.59
N PRO B 269 8.49 -28.07 -3.75
CA PRO B 269 7.81 -27.57 -4.96
C PRO B 269 6.31 -27.81 -4.95
N PHE B 270 5.83 -28.83 -4.24
CA PHE B 270 4.40 -29.12 -4.22
C PHE B 270 3.63 -28.01 -3.53
N THR B 271 2.41 -27.77 -4.02
CA THR B 271 1.50 -26.86 -3.33
C THR B 271 0.07 -27.23 -3.70
N GLN B 272 -0.84 -27.06 -2.74
CA GLN B 272 -2.26 -27.30 -2.97
C GLN B 272 -3.06 -26.31 -2.15
N TRP B 273 -4.20 -25.89 -2.71
CA TRP B 273 -5.09 -24.97 -2.03
C TRP B 273 -6.51 -25.26 -2.51
N VAL B 274 -7.36 -25.75 -1.62
CA VAL B 274 -8.77 -25.99 -1.90
C VAL B 274 -9.58 -25.01 -1.07
N ILE B 275 -10.42 -24.21 -1.73
CA ILE B 275 -11.18 -23.19 -1.02
C ILE B 275 -12.57 -23.10 -1.62
N GLU B 276 -13.58 -22.93 -0.77
CA GLU B 276 -14.93 -22.75 -1.28
C GLU B 276 -15.10 -21.34 -1.83
N ASP B 277 -15.99 -21.20 -2.82
CA ASP B 277 -16.18 -19.93 -3.52
C ASP B 277 -17.15 -19.08 -2.70
N GLN B 278 -16.62 -18.48 -1.63
CA GLN B 278 -17.40 -17.61 -0.74
C GLN B 278 -16.58 -16.33 -0.55
N PHE B 279 -16.86 -15.31 -1.35
CA PHE B 279 -16.16 -14.04 -1.27
C PHE B 279 -17.16 -12.90 -1.33
N SER B 280 -16.95 -11.87 -0.51
CA SER B 280 -17.94 -10.81 -0.38
C SER B 280 -17.59 -9.53 -1.14
N ASP B 281 -16.33 -9.34 -1.54
CA ASP B 281 -15.92 -8.11 -2.19
C ASP B 281 -14.99 -8.40 -3.37
N GLY B 282 -15.23 -9.49 -4.08
CA GLY B 282 -14.46 -9.84 -5.25
C GLY B 282 -13.28 -10.75 -4.92
N ARG B 283 -12.71 -11.34 -5.98
CA ARG B 283 -11.53 -12.18 -5.85
C ARG B 283 -10.83 -12.24 -7.19
N PRO B 284 -9.53 -12.51 -7.20
CA PRO B 284 -8.83 -12.77 -8.45
C PRO B 284 -9.09 -14.19 -8.93
N PRO B 285 -8.80 -14.49 -10.20
CA PRO B 285 -9.06 -15.85 -10.74
C PRO B 285 -8.05 -16.87 -10.27
N PHE B 286 -8.17 -17.26 -8.98
CA PHE B 286 -7.26 -18.23 -8.38
C PHE B 286 -7.13 -19.50 -9.21
N GLU B 287 -8.20 -19.89 -9.90
CA GLU B 287 -8.18 -21.13 -10.67
C GLU B 287 -7.06 -21.16 -11.69
N LYS B 288 -6.61 -19.99 -12.17
CA LYS B 288 -5.60 -19.94 -13.21
C LYS B 288 -4.21 -20.33 -12.72
N VAL B 289 -3.99 -20.37 -11.40
CA VAL B 289 -2.67 -20.73 -10.88
C VAL B 289 -2.78 -21.95 -9.99
N GLY B 290 -3.74 -22.83 -10.28
CA GLY B 290 -3.77 -24.14 -9.70
C GLY B 290 -4.60 -24.29 -8.43
N VAL B 291 -5.28 -23.24 -8.02
CA VAL B 291 -6.14 -23.31 -6.84
C VAL B 291 -7.42 -24.04 -7.22
N GLN B 292 -7.87 -24.94 -6.34
CA GLN B 292 -9.09 -25.71 -6.56
C GLN B 292 -10.22 -24.98 -5.84
N VAL B 293 -11.03 -24.26 -6.61
CA VAL B 293 -12.18 -23.54 -6.06
C VAL B 293 -13.38 -24.47 -6.05
N VAL B 294 -13.91 -24.77 -4.88
CA VAL B 294 -14.98 -25.75 -4.78
C VAL B 294 -16.27 -25.12 -4.27
N LYS B 295 -17.32 -25.94 -4.18
CA LYS B 295 -18.67 -25.42 -4.00
C LYS B 295 -18.91 -24.91 -2.59
N ASP B 296 -18.55 -25.69 -1.57
CA ASP B 296 -18.95 -25.36 -0.21
C ASP B 296 -18.05 -26.08 0.78
N VAL B 297 -18.39 -25.97 2.07
CA VAL B 297 -17.52 -26.50 3.13
C VAL B 297 -17.45 -28.02 3.08
N HIS B 298 -18.53 -28.67 2.66
CA HIS B 298 -18.50 -30.14 2.60
C HIS B 298 -17.47 -30.64 1.59
N ALA B 299 -17.32 -29.92 0.47
CA ALA B 299 -16.27 -30.27 -0.49
C ALA B 299 -14.89 -30.00 0.08
N VAL B 300 -14.71 -28.87 0.76
CA VAL B 300 -13.43 -28.58 1.42
C VAL B 300 -13.08 -29.68 2.41
N GLU B 301 -14.06 -30.11 3.20
CA GLU B 301 -13.78 -31.04 4.29
C GLU B 301 -13.36 -32.40 3.78
N GLN B 302 -13.80 -32.80 2.58
CA GLN B 302 -13.33 -34.06 2.02
C GLN B 302 -11.84 -34.01 1.73
N PHE B 303 -11.36 -32.92 1.12
CA PHE B 303 -9.93 -32.77 0.87
C PHE B 303 -9.16 -32.67 2.18
N GLU B 304 -9.73 -31.97 3.16
CA GLU B 304 -9.09 -31.83 4.46
C GLU B 304 -8.91 -33.19 5.13
N LYS B 305 -9.93 -34.05 5.03
CA LYS B 305 -9.80 -35.38 5.63
C LYS B 305 -8.71 -36.19 4.94
N HIS B 306 -8.66 -36.12 3.61
CA HIS B 306 -7.58 -36.80 2.89
C HIS B 306 -6.23 -36.37 3.43
N LYS B 307 -6.02 -35.06 3.57
CA LYS B 307 -4.72 -34.55 4.04
C LYS B 307 -4.46 -34.92 5.48
N LEU B 308 -5.43 -34.69 6.38
CA LEU B 308 -5.20 -34.95 7.79
C LEU B 308 -4.85 -36.41 8.05
N ARG B 309 -5.59 -37.33 7.43
CA ARG B 309 -5.40 -38.74 7.74
C ARG B 309 -4.23 -39.35 6.99
N LEU B 310 -3.99 -38.94 5.75
CA LEU B 310 -2.92 -39.55 4.97
C LEU B 310 -1.59 -38.78 5.09
N LEU B 311 -1.60 -37.47 4.89
N LEU B 311 -1.62 -37.47 4.90
CA LEU B 311 -0.36 -36.71 4.98
CA LEU B 311 -0.38 -36.69 4.97
C LEU B 311 0.07 -36.58 6.43
C LEU B 311 0.10 -36.51 6.41
N ASN B 312 -0.74 -35.91 7.24
CA ASN B 312 -0.35 -35.69 8.64
C ASN B 312 -0.30 -37.00 9.41
N GLY B 313 -1.17 -37.96 9.07
CA GLY B 313 -1.08 -39.27 9.68
C GLY B 313 0.24 -39.96 9.36
N SER B 314 0.67 -39.92 8.10
CA SER B 314 1.94 -40.54 7.72
C SER B 314 3.13 -39.79 8.30
N HIS B 315 3.04 -38.46 8.40
CA HIS B 315 4.06 -37.71 9.12
C HIS B 315 4.21 -38.21 10.55
N SER B 316 3.09 -38.48 11.22
CA SER B 316 3.13 -39.05 12.57
C SER B 316 3.83 -40.41 12.56
N ALA B 317 3.53 -41.24 11.56
CA ALA B 317 4.14 -42.56 11.46
C ALA B 317 5.64 -42.47 11.22
N LEU B 318 6.09 -41.43 10.51
CA LEU B 318 7.52 -41.25 10.28
C LEU B 318 8.21 -40.59 11.47
N GLY B 319 7.50 -39.74 12.20
CA GLY B 319 8.09 -38.87 13.20
C GLY B 319 8.44 -39.55 14.51
N TYR B 320 7.42 -40.01 15.23
CA TYR B 320 7.69 -40.60 16.55
C TYR B 320 8.43 -41.92 16.42
N PRO B 321 8.06 -42.85 15.54
CA PRO B 321 8.93 -44.03 15.33
C PRO B 321 10.31 -43.66 14.83
N GLY B 322 10.41 -42.68 13.93
CA GLY B 322 11.71 -42.32 13.38
C GLY B 322 12.64 -41.72 14.43
N GLN B 323 12.10 -40.84 15.29
CA GLN B 323 12.89 -40.29 16.38
C GLN B 323 13.36 -41.39 17.33
N LEU B 324 12.46 -42.33 17.67
CA LEU B 324 12.84 -43.42 18.55
C LEU B 324 13.93 -44.28 17.92
N ALA B 325 13.81 -44.56 16.61
CA ALA B 325 14.80 -45.37 15.92
C ALA B 325 16.12 -44.66 15.68
N GLY B 326 16.19 -43.36 15.89
CA GLY B 326 17.44 -42.62 15.81
C GLY B 326 17.65 -41.77 14.58
N PHE B 327 16.68 -41.71 13.66
CA PHE B 327 16.85 -40.91 12.45
C PHE B 327 16.83 -39.42 12.78
N GLN B 328 17.24 -38.62 11.80
CA GLN B 328 17.27 -37.18 11.93
C GLN B 328 16.34 -36.45 10.98
N TYR B 329 16.09 -36.98 9.78
CA TYR B 329 15.30 -36.27 8.78
C TYR B 329 14.18 -37.16 8.26
N VAL B 330 13.13 -36.50 7.77
CA VAL B 330 11.97 -37.21 7.23
C VAL B 330 12.41 -38.13 6.08
N HIS B 331 13.25 -37.62 5.18
CA HIS B 331 13.62 -38.41 4.01
C HIS B 331 14.42 -39.64 4.38
N GLU B 332 15.20 -39.57 5.47
CA GLU B 332 15.90 -40.75 5.96
C GLU B 332 14.93 -41.85 6.36
N VAL B 333 13.88 -41.50 7.10
CA VAL B 333 12.89 -42.49 7.51
C VAL B 333 12.15 -43.03 6.29
N MET B 334 11.74 -42.13 5.39
CA MET B 334 10.95 -42.55 4.23
C MET B 334 11.74 -43.48 3.31
N ALA B 335 13.06 -43.31 3.25
CA ALA B 335 13.90 -44.14 2.40
C ALA B 335 14.18 -45.52 3.00
N ASN B 336 13.93 -45.71 4.29
CA ASN B 336 14.14 -47.01 4.89
C ASN B 336 13.09 -48.00 4.37
N PRO B 337 13.50 -49.18 3.89
CA PRO B 337 12.53 -50.07 3.24
C PRO B 337 11.41 -50.54 4.14
N LEU B 338 11.68 -50.74 5.43
CA LEU B 338 10.63 -51.17 6.35
C LEU B 338 9.61 -50.06 6.57
N PHE B 339 10.09 -48.83 6.78
CA PHE B 339 9.17 -47.70 6.93
C PHE B 339 8.37 -47.48 5.65
N ARG B 340 8.99 -47.64 4.49
CA ARG B 340 8.27 -47.45 3.24
C ARG B 340 7.11 -48.42 3.12
N LYS B 341 7.33 -49.69 3.48
CA LYS B 341 6.25 -50.66 3.40
C LYS B 341 5.20 -50.42 4.49
N PHE B 342 5.65 -50.08 5.70
CA PHE B 342 4.73 -49.81 6.80
C PHE B 342 3.82 -48.63 6.46
N VAL B 343 4.40 -47.54 5.96
CA VAL B 343 3.61 -46.34 5.70
C VAL B 343 2.64 -46.58 4.55
N TRP B 344 3.12 -47.21 3.47
CA TRP B 344 2.24 -47.52 2.34
C TRP B 344 1.08 -48.40 2.79
N GLN B 345 1.37 -49.43 3.58
CA GLN B 345 0.30 -50.34 3.98
C GLN B 345 -0.65 -49.70 4.98
N MET B 346 -0.16 -48.79 5.83
CA MET B 346 -1.07 -48.03 6.69
C MET B 346 -2.00 -47.15 5.86
N MET B 347 -1.42 -46.40 4.91
CA MET B 347 -2.23 -45.60 3.99
C MET B 347 -3.30 -46.43 3.30
N GLN B 348 -2.89 -47.58 2.73
CA GLN B 348 -3.74 -48.36 1.84
C GLN B 348 -4.77 -49.19 2.60
N GLU B 349 -4.36 -49.85 3.68
CA GLU B 349 -5.24 -50.81 4.35
C GLU B 349 -6.07 -50.18 5.45
N GLU B 350 -5.53 -49.19 6.15
CA GLU B 350 -6.14 -48.71 7.38
C GLU B 350 -6.73 -47.31 7.27
N VAL B 351 -6.20 -46.47 6.40
CA VAL B 351 -6.69 -45.10 6.28
C VAL B 351 -7.58 -44.92 5.07
N LYS B 352 -7.12 -45.36 3.89
CA LYS B 352 -7.88 -45.18 2.65
C LYS B 352 -9.34 -45.64 2.74
N PRO B 353 -9.68 -46.80 3.30
CA PRO B 353 -11.10 -47.19 3.37
C PRO B 353 -11.95 -46.29 4.23
N LEU B 354 -11.36 -45.44 5.08
CA LEU B 354 -12.13 -44.50 5.87
C LEU B 354 -12.43 -43.20 5.14
N LEU B 355 -11.84 -42.98 3.98
CA LEU B 355 -11.88 -41.68 3.33
C LEU B 355 -13.05 -41.59 2.35
N PRO B 356 -13.61 -40.40 2.19
CA PRO B 356 -14.63 -40.21 1.16
C PRO B 356 -14.02 -40.21 -0.22
N GLU B 357 -14.78 -40.71 -1.20
CA GLU B 357 -14.32 -40.67 -2.58
C GLU B 357 -14.65 -39.30 -3.16
N ILE B 358 -13.62 -38.59 -3.61
CA ILE B 358 -13.76 -37.24 -4.15
C ILE B 358 -13.79 -37.36 -5.67
N PRO B 359 -14.81 -36.83 -6.35
CA PRO B 359 -14.86 -36.95 -7.81
C PRO B 359 -13.58 -36.43 -8.48
N GLY B 360 -13.04 -37.23 -9.38
CA GLY B 360 -11.84 -36.86 -10.10
C GLY B 360 -10.55 -37.07 -9.35
N VAL B 361 -10.60 -37.55 -8.09
CA VAL B 361 -9.42 -37.76 -7.27
C VAL B 361 -9.23 -39.26 -7.08
N ASP B 362 -8.02 -39.73 -7.33
CA ASP B 362 -7.63 -41.11 -7.10
C ASP B 362 -6.76 -41.13 -5.84
N ILE B 363 -7.26 -41.78 -4.78
CA ILE B 363 -6.56 -41.78 -3.50
C ILE B 363 -5.21 -42.48 -3.63
N ASP B 364 -5.12 -43.52 -4.47
CA ASP B 364 -3.85 -44.21 -4.64
C ASP B 364 -2.80 -43.29 -5.26
N GLU B 365 -3.17 -42.52 -6.28
CA GLU B 365 -2.25 -41.53 -6.84
C GLU B 365 -1.85 -40.51 -5.78
N TYR B 366 -2.80 -40.06 -4.96
CA TYR B 366 -2.47 -39.16 -3.86
C TYR B 366 -1.42 -39.79 -2.94
N CYS B 367 -1.62 -41.05 -2.56
CA CYS B 367 -0.63 -41.73 -1.74
C CYS B 367 0.73 -41.77 -2.42
N ASN B 368 0.77 -42.06 -3.72
CA ASN B 368 2.04 -42.02 -4.46
C ASN B 368 2.71 -40.66 -4.36
N THR B 369 1.93 -39.59 -4.56
CA THR B 369 2.50 -38.25 -4.47
C THR B 369 2.99 -37.95 -3.05
N LEU B 370 2.29 -38.43 -2.01
CA LEU B 370 2.75 -38.19 -0.65
C LEU B 370 4.09 -38.88 -0.40
N ILE B 371 4.27 -40.10 -0.90
CA ILE B 371 5.53 -40.81 -0.73
C ILE B 371 6.67 -40.04 -1.39
N GLU B 372 6.43 -39.56 -2.62
CA GLU B 372 7.40 -38.71 -3.30
C GLU B 372 7.75 -37.49 -2.45
N ARG B 373 6.76 -36.84 -1.87
CA ARG B 373 7.01 -35.62 -1.11
C ARG B 373 7.83 -35.91 0.15
N PHE B 374 7.56 -37.03 0.82
CA PHE B 374 8.33 -37.40 2.00
C PHE B 374 9.74 -37.84 1.63
N THR B 375 9.91 -38.44 0.45
CA THR B 375 11.21 -38.97 0.03
C THR B 375 12.19 -37.85 -0.31
N ASN B 376 11.68 -36.67 -0.71
CA ASN B 376 12.43 -35.46 -1.05
C ASN B 376 13.67 -35.31 -0.17
N PRO B 377 14.86 -35.63 -0.68
CA PRO B 377 16.07 -35.56 0.16
C PRO B 377 16.53 -34.12 0.42
N THR B 378 16.28 -33.24 -0.54
CA THR B 378 16.87 -31.91 -0.50
C THR B 378 16.22 -31.01 0.55
N ILE B 379 14.95 -31.25 0.88
CA ILE B 379 14.27 -30.35 1.82
C ILE B 379 14.83 -30.49 3.23
N MET B 380 15.37 -31.67 3.56
CA MET B 380 16.05 -31.91 4.84
C MET B 380 15.19 -31.51 6.04
N ASP B 381 14.00 -32.10 6.09
CA ASP B 381 13.03 -31.74 7.13
C ASP B 381 13.36 -32.49 8.43
N GLN B 382 13.65 -31.74 9.48
CA GLN B 382 14.06 -32.33 10.75
C GLN B 382 12.87 -32.97 11.47
N LEU B 383 13.05 -34.23 11.90
CA LEU B 383 12.00 -34.92 12.63
C LEU B 383 11.48 -34.16 13.86
N PRO B 384 12.32 -33.49 14.66
CA PRO B 384 11.77 -32.70 15.77
C PRO B 384 10.73 -31.68 15.35
N ARG B 385 10.82 -31.14 14.14
CA ARG B 385 9.79 -30.20 13.67
C ARG B 385 8.46 -30.91 13.47
N ILE B 386 8.49 -32.10 12.90
CA ILE B 386 7.28 -32.88 12.68
C ILE B 386 6.67 -33.31 14.01
N CYS B 387 7.51 -33.61 15.00
CA CYS B 387 7.07 -34.16 16.28
C CYS B 387 6.64 -33.10 17.28
N LEU B 388 6.90 -31.82 17.00
CA LEU B 388 6.61 -30.75 17.95
C LEU B 388 5.14 -30.74 18.35
N ASN B 389 4.88 -30.60 19.65
CA ASN B 389 3.54 -30.41 20.18
C ASN B 389 2.60 -31.54 19.73
N ALA B 390 3.03 -32.77 20.00
CA ALA B 390 2.33 -33.95 19.52
C ALA B 390 0.95 -34.12 20.15
N SER B 391 0.71 -33.56 21.33
CA SER B 391 -0.62 -33.68 21.94
C SER B 391 -1.68 -32.97 21.11
N GLY B 392 -1.28 -32.03 20.26
CA GLY B 392 -2.20 -31.41 19.33
C GLY B 392 -2.24 -32.07 17.97
N LYS B 393 -1.44 -33.12 17.77
CA LYS B 393 -1.29 -33.75 16.47
C LYS B 393 -1.84 -35.18 16.46
N ILE B 394 -1.33 -36.05 17.32
CA ILE B 394 -1.81 -37.43 17.36
C ILE B 394 -3.33 -37.52 17.53
N PRO B 395 -3.97 -36.79 18.46
CA PRO B 395 -5.44 -36.86 18.57
C PRO B 395 -6.16 -36.28 17.37
N GLN B 396 -5.45 -35.61 16.46
CA GLN B 396 -6.04 -35.05 15.25
C GLN B 396 -5.80 -35.90 14.03
N PHE B 397 -4.61 -36.50 13.91
CA PHE B 397 -4.20 -37.17 12.68
C PHE B 397 -4.35 -38.68 12.72
N ILE B 398 -4.22 -39.28 13.90
CA ILE B 398 -4.14 -40.72 14.05
C ILE B 398 -5.34 -41.27 14.83
N MET B 399 -5.59 -40.72 16.01
CA MET B 399 -6.67 -41.24 16.85
C MET B 399 -8.03 -41.21 16.18
N PRO B 400 -8.41 -40.20 15.38
CA PRO B 400 -9.72 -40.27 14.72
C PRO B 400 -9.87 -41.42 13.76
N SER B 401 -8.79 -41.85 13.10
CA SER B 401 -8.85 -43.03 12.26
C SER B 401 -9.04 -44.28 13.10
N ILE B 402 -8.42 -44.33 14.28
CA ILE B 402 -8.64 -45.46 15.19
C ILE B 402 -10.09 -45.49 15.65
N ALA B 403 -10.65 -44.33 15.99
CA ALA B 403 -12.04 -44.26 16.44
C ALA B 403 -13.00 -44.72 15.35
N GLU B 404 -12.78 -44.28 14.11
CA GLU B 404 -13.64 -44.74 13.02
C GLU B 404 -13.51 -46.24 12.83
N ALA B 405 -12.30 -46.78 13.04
CA ALA B 405 -12.08 -48.21 12.94
C ALA B 405 -12.72 -48.97 14.08
N ILE B 406 -12.99 -48.30 15.20
CA ILE B 406 -13.74 -48.94 16.28
C ILE B 406 -15.22 -49.00 15.93
N TRP B 407 -15.78 -47.90 15.41
CA TRP B 407 -17.20 -47.87 15.08
C TRP B 407 -17.56 -48.91 14.04
N GLU B 408 -16.66 -49.18 13.09
CA GLU B 408 -16.93 -50.08 11.98
C GLU B 408 -16.18 -51.41 12.07
N THR B 409 -15.38 -51.61 13.11
CA THR B 409 -14.43 -52.73 13.19
C THR B 409 -13.64 -52.85 11.89
N GLY B 410 -12.70 -51.93 11.74
CA GLY B 410 -11.78 -51.95 10.64
C GLY B 410 -10.37 -52.22 11.11
N PRO B 411 -9.47 -52.54 10.19
CA PRO B 411 -8.08 -52.81 10.59
C PRO B 411 -7.42 -51.54 11.11
N PHE B 412 -6.64 -51.69 12.20
CA PHE B 412 -5.97 -50.52 12.74
C PHE B 412 -4.66 -50.84 13.45
N ARG B 413 -4.02 -51.98 13.15
CA ARG B 413 -2.80 -52.38 13.85
C ARG B 413 -1.70 -51.33 13.70
N ARG B 414 -1.47 -50.86 12.47
CA ARG B 414 -0.39 -49.90 12.25
C ARG B 414 -0.70 -48.56 12.90
N LEU B 415 -1.97 -48.13 12.84
CA LEU B 415 -2.37 -46.92 13.54
C LEU B 415 -2.08 -47.03 15.04
N CYS B 416 -2.35 -48.21 15.61
CA CYS B 416 -2.06 -48.40 17.04
C CYS B 416 -0.56 -48.36 17.31
N PHE B 417 0.23 -48.88 16.37
CA PHE B 417 1.69 -48.82 16.48
C PHE B 417 2.18 -47.38 16.54
N VAL B 418 1.63 -46.52 15.66
CA VAL B 418 2.02 -45.11 15.66
C VAL B 418 1.65 -44.46 17.00
N ALA B 419 0.42 -44.71 17.46
CA ALA B 419 0.00 -44.18 18.75
C ALA B 419 0.91 -44.69 19.87
N ALA B 420 1.21 -45.99 19.86
CA ALA B 420 2.11 -46.54 20.88
C ALA B 420 3.49 -45.89 20.81
N ALA B 421 3.98 -45.61 19.60
CA ALA B 421 5.30 -45.01 19.47
C ALA B 421 5.33 -43.61 20.09
N TRP B 422 4.25 -42.83 19.92
CA TRP B 422 4.17 -41.55 20.60
C TRP B 422 4.16 -41.73 22.11
N PHE B 423 3.37 -42.69 22.61
CA PHE B 423 3.31 -42.95 24.05
C PHE B 423 4.70 -43.22 24.61
N HIS B 424 5.51 -43.99 23.89
CA HIS B 424 6.87 -44.26 24.33
C HIS B 424 7.77 -43.05 24.11
N TYR B 425 7.57 -42.34 23.00
CA TYR B 425 8.32 -41.12 22.69
C TYR B 425 8.23 -40.09 23.81
N ILE B 426 7.11 -40.07 24.54
CA ILE B 426 6.90 -39.06 25.57
C ILE B 426 7.97 -39.15 26.66
N LYS B 427 8.50 -40.34 26.91
CA LYS B 427 9.53 -40.49 27.92
C LYS B 427 10.85 -39.82 27.53
N GLY B 428 11.06 -39.57 26.24
CA GLY B 428 12.20 -38.78 25.81
C GLY B 428 13.51 -39.52 25.68
N VAL B 429 13.48 -40.85 25.53
CA VAL B 429 14.68 -41.67 25.35
C VAL B 429 14.49 -42.51 24.09
N ASP B 430 15.46 -42.44 23.18
CA ASP B 430 15.35 -43.17 21.93
C ASP B 430 15.80 -44.62 22.12
N ASP B 431 15.72 -45.40 21.05
CA ASP B 431 16.00 -46.84 21.13
C ASP B 431 17.48 -47.14 21.41
N ARG B 432 18.35 -46.13 21.37
CA ARG B 432 19.76 -46.29 21.70
C ARG B 432 20.09 -45.79 23.10
N GLY B 433 19.09 -45.42 23.89
CA GLY B 433 19.33 -44.85 25.20
C GLY B 433 19.69 -43.39 25.22
N LYS B 434 19.79 -42.75 24.05
CA LYS B 434 20.13 -41.33 24.01
C LYS B 434 18.87 -40.48 24.19
N PRO B 435 18.94 -39.44 25.01
CA PRO B 435 17.75 -38.61 25.26
C PRO B 435 17.50 -37.64 24.11
N PHE B 436 16.28 -37.11 24.09
CA PHE B 436 15.91 -36.04 23.17
C PHE B 436 14.85 -35.19 23.85
N GLU B 437 14.75 -33.94 23.40
CA GLU B 437 13.81 -33.02 24.01
C GLU B 437 12.38 -33.35 23.57
N VAL B 438 11.45 -33.29 24.52
CA VAL B 438 10.02 -33.44 24.25
C VAL B 438 9.39 -32.07 24.40
N VAL B 439 8.89 -31.52 23.30
CA VAL B 439 8.29 -30.19 23.28
C VAL B 439 6.78 -30.37 23.14
N ASP B 440 6.04 -29.86 24.13
CA ASP B 440 4.60 -30.09 24.19
C ASP B 440 3.99 -29.18 25.25
N PRO B 441 2.88 -28.49 24.94
CA PRO B 441 2.20 -27.69 25.97
C PRO B 441 1.66 -28.51 27.12
N MET B 442 1.59 -29.83 26.97
CA MET B 442 1.17 -30.73 28.04
C MET B 442 2.32 -31.65 28.47
N ARG B 443 3.56 -31.22 28.24
CA ARG B 443 4.72 -32.07 28.55
C ARG B 443 4.69 -32.56 29.99
N GLU B 444 4.35 -31.69 30.94
CA GLU B 444 4.38 -32.05 32.36
C GLU B 444 3.43 -33.20 32.66
N GLU B 445 2.17 -33.07 32.26
CA GLU B 445 1.21 -34.14 32.52
C GLU B 445 1.53 -35.39 31.72
N LEU B 446 1.92 -35.23 30.45
CA LEU B 446 2.20 -36.39 29.60
C LEU B 446 3.36 -37.22 30.16
N GLN B 447 4.43 -36.57 30.60
CA GLN B 447 5.56 -37.32 31.12
C GLN B 447 5.26 -37.90 32.50
N ALA B 448 4.40 -37.23 33.27
CA ALA B 448 3.98 -37.79 34.55
C ALA B 448 3.18 -39.07 34.37
N LYS B 449 2.13 -39.02 33.54
CA LYS B 449 1.33 -40.21 33.29
C LYS B 449 2.14 -41.30 32.61
N ALA B 450 3.07 -40.92 31.74
CA ALA B 450 3.91 -41.90 31.06
C ALA B 450 4.74 -42.69 32.06
N ARG B 451 5.36 -42.00 33.02
CA ARG B 451 6.14 -42.68 34.04
C ARG B 451 5.26 -43.59 34.90
N ALA B 452 4.07 -43.11 35.27
CA ALA B 452 3.16 -43.91 36.09
C ALA B 452 2.69 -45.16 35.35
N GLY B 453 2.58 -45.10 34.02
CA GLY B 453 2.09 -46.23 33.25
C GLY B 453 3.12 -47.27 32.87
N GLY B 454 4.40 -46.95 33.01
CA GLY B 454 5.43 -47.89 32.59
C GLY B 454 5.36 -48.14 31.09
N ASN B 455 5.35 -49.43 30.73
CA ASN B 455 5.25 -49.85 29.34
C ASN B 455 3.83 -50.21 28.93
N ASP B 456 2.83 -49.76 29.70
CA ASP B 456 1.41 -49.95 29.43
C ASP B 456 0.74 -48.63 29.09
N PRO B 457 -0.27 -48.64 28.22
CA PRO B 457 -0.91 -47.38 27.78
C PRO B 457 -2.04 -46.88 28.66
N SER B 458 -2.37 -47.57 29.76
CA SER B 458 -3.58 -47.23 30.51
C SER B 458 -3.50 -45.82 31.10
N GLU B 459 -2.38 -45.49 31.74
CA GLU B 459 -2.27 -44.17 32.38
C GLU B 459 -2.37 -43.05 31.37
N LEU B 460 -1.70 -43.18 30.22
CA LEU B 460 -1.77 -42.13 29.21
C LEU B 460 -3.17 -42.02 28.61
N LEU B 461 -3.84 -43.14 28.39
CA LEU B 461 -5.19 -43.09 27.84
C LEU B 461 -6.20 -42.50 28.82
N SER B 462 -5.85 -42.33 30.10
CA SER B 462 -6.78 -41.77 31.06
C SER B 462 -6.90 -40.25 30.97
N ILE B 463 -6.07 -39.59 30.17
CA ILE B 463 -6.17 -38.14 30.02
C ILE B 463 -7.43 -37.82 29.23
N LYS B 464 -8.45 -37.30 29.92
CA LYS B 464 -9.75 -37.14 29.30
C LYS B 464 -9.77 -36.06 28.23
N SER B 465 -8.91 -35.04 28.36
CA SER B 465 -8.89 -33.97 27.38
C SER B 465 -8.34 -34.42 26.03
N LEU B 466 -7.61 -35.54 26.00
CA LEU B 466 -7.01 -36.05 24.76
C LEU B 466 -7.69 -37.29 24.21
N PHE B 467 -8.23 -38.15 25.06
CA PHE B 467 -8.77 -39.44 24.63
C PHE B 467 -10.18 -39.60 25.17
N GLY B 468 -11.06 -40.17 24.34
CA GLY B 468 -12.45 -40.34 24.70
C GLY B 468 -12.77 -41.71 25.27
N ASP B 469 -14.01 -41.84 25.74
CA ASP B 469 -14.44 -43.08 26.37
C ASP B 469 -14.48 -44.23 25.38
N ASP B 470 -14.73 -43.95 24.09
CA ASP B 470 -14.78 -45.03 23.12
C ASP B 470 -13.45 -45.75 23.01
N LEU B 471 -12.34 -45.02 23.12
CA LEU B 471 -11.03 -45.65 23.09
C LEU B 471 -10.80 -46.52 24.33
N ARG B 472 -11.02 -45.94 25.52
CA ARG B 472 -10.75 -46.67 26.74
C ARG B 472 -11.61 -47.91 26.89
N ASN B 473 -12.79 -47.94 26.26
CA ASN B 473 -13.75 -49.01 26.47
C ASN B 473 -13.80 -50.03 25.34
N ASP B 474 -12.84 -49.99 24.41
CA ASP B 474 -12.82 -50.94 23.31
C ASP B 474 -11.73 -51.98 23.55
N GLU B 475 -12.13 -53.23 23.76
CA GLU B 475 -11.19 -54.27 24.17
C GLU B 475 -10.15 -54.57 23.10
N ARG B 476 -10.57 -54.60 21.82
CA ARG B 476 -9.60 -54.89 20.75
C ARG B 476 -8.51 -53.82 20.69
N PHE B 477 -8.91 -52.55 20.78
CA PHE B 477 -7.94 -51.47 20.83
C PHE B 477 -7.00 -51.63 22.02
N LEU B 478 -7.55 -51.88 23.20
CA LEU B 478 -6.71 -52.03 24.39
C LEU B 478 -5.68 -53.13 24.21
N ARG B 479 -6.10 -54.27 23.66
CA ARG B 479 -5.16 -55.37 23.42
C ARG B 479 -4.13 -54.99 22.36
N GLU B 480 -4.59 -54.33 21.29
CA GLU B 480 -3.70 -54.07 20.16
C GLU B 480 -2.64 -53.03 20.51
N ILE B 481 -3.06 -51.90 21.10
CA ILE B 481 -2.07 -50.89 21.44
C ILE B 481 -1.18 -51.36 22.59
N THR B 482 -1.69 -52.25 23.45
CA THR B 482 -0.84 -52.82 24.50
C THR B 482 0.29 -53.65 23.91
N THR B 483 -0.05 -54.52 22.95
CA THR B 483 0.98 -55.30 22.25
C THR B 483 2.02 -54.40 21.60
N ALA B 484 1.56 -53.36 20.90
CA ALA B 484 2.51 -52.47 20.24
C ALA B 484 3.39 -51.74 21.25
N MET B 485 2.80 -51.25 22.34
CA MET B 485 3.58 -50.51 23.34
C MET B 485 4.58 -51.43 24.04
N ASN B 486 4.15 -52.63 24.40
CA ASN B 486 5.07 -53.59 25.03
C ASN B 486 6.23 -53.92 24.12
N ASP B 487 5.95 -54.19 22.85
CA ASP B 487 6.99 -54.61 21.92
C ASP B 487 7.96 -53.49 21.60
N ILE B 488 7.44 -52.27 21.41
CA ILE B 488 8.31 -51.14 21.09
C ILE B 488 9.27 -50.87 22.25
N ALA B 489 8.74 -50.84 23.48
CA ALA B 489 9.58 -50.57 24.64
C ALA B 489 10.62 -51.67 24.85
N ARG B 490 10.28 -52.91 24.48
CA ARG B 490 11.20 -54.03 24.71
C ARG B 490 12.19 -54.22 23.57
N ASP B 491 11.72 -54.17 22.32
CA ASP B 491 12.56 -54.48 21.17
C ASP B 491 12.92 -53.27 20.33
N GLY B 492 12.33 -52.11 20.58
CA GLY B 492 12.59 -50.93 19.77
C GLY B 492 11.79 -50.95 18.47
N ILE B 493 11.82 -49.80 17.79
CA ILE B 493 11.02 -49.61 16.58
C ILE B 493 11.45 -50.55 15.47
N MET B 494 12.75 -50.58 15.17
CA MET B 494 13.21 -51.26 13.96
C MET B 494 12.97 -52.77 14.04
N LYS B 495 13.11 -53.36 15.24
CA LYS B 495 12.89 -54.79 15.35
C LYS B 495 11.40 -55.13 15.34
N THR B 496 10.54 -54.18 15.71
CA THR B 496 9.11 -54.46 15.80
C THR B 496 8.41 -54.28 14.44
N LEU B 497 8.87 -53.33 13.63
CA LEU B 497 8.23 -53.02 12.35
C LEU B 497 7.91 -54.24 11.50
N PRO B 498 8.77 -55.27 11.37
CA PRO B 498 8.40 -56.41 10.51
C PRO B 498 7.09 -57.08 10.89
N LYS B 499 6.69 -57.04 12.16
CA LYS B 499 5.43 -57.64 12.57
C LYS B 499 4.23 -56.87 12.06
N TYR B 500 4.41 -55.66 11.54
CA TYR B 500 3.33 -54.82 11.05
C TYR B 500 3.40 -54.63 9.54
N ILE B 501 4.16 -55.47 8.85
CA ILE B 501 4.31 -55.41 7.40
C ILE B 501 3.93 -56.76 6.83
N ASN B 502 2.94 -56.79 5.95
CA ASN B 502 2.56 -58.02 5.26
C ASN B 502 3.18 -58.04 3.86
N GLY B 503 2.91 -59.11 3.12
CA GLY B 503 3.60 -59.36 1.88
C GLY B 503 4.91 -60.09 2.13
N SER B 504 5.61 -60.39 1.04
CA SER B 504 6.87 -61.12 1.10
C SER B 504 7.93 -60.34 1.87
#